data_4Y4K
#
_entry.id   4Y4K
#
_cell.length_a   78.960
_cell.length_b   191.070
_cell.length_c   151.080
_cell.angle_alpha   90.000
_cell.angle_beta   90.000
_cell.angle_gamma   90.000
#
_symmetry.space_group_name_H-M   'C 2 2 21'
#
loop_
_entity.id
_entity.type
_entity.pdbx_description
1 polymer 'Antigen-presenting glycoprotein CD1d1'
2 polymer Beta-2-microglobulin
3 polymer 'chimeric TCR Valpha14Jalpha18 chain (mouse variable, human constant domain)'
4 polymer 'chimeric TCR Vbeta8.2 chain (mouse variable, human constant domain)'
5 branched 2-acetamido-2-deoxy-beta-D-glucopyranose-(1-4)-[alpha-L-fucopyranose-(1-6)]2-acetamido-2-deoxy-beta-D-glucopyranose
6 non-polymer 2-acetamido-2-deoxy-beta-D-glucopyranose
7 non-polymer (4Z)-9-[(1R,2R)-2-decylcyclopropyl]-N-[(2S,3S,4S)-1-(alpha-D-galactopyranosyloxy)-3,4-dihydroxyoctadecan-2-yl]non-4-enamide
#
loop_
_entity_poly.entity_id
_entity_poly.type
_entity_poly.pdbx_seq_one_letter_code
_entity_poly.pdbx_strand_id
1 'polypeptide(L)'
;SEAQQKNYTFRCLQMSSFANRSWSRTDSVVWLGDLQTHRWSNDSATISFTKPWSQGKLSNQQWEKLQHMFQVYRVSFTRD
IQELVKMMSPKEDYPIEIQLSAGCEMYPGNASESFLHVAFQGKYVVRFWGTSWQTVPGAPSWLDLPIKVLNADQGTSATV
QMLLNDTCPLFVRGLLEAGKSDLEKQEKPVAWLSSVPSSAHGHRQLVCHVSGFYPKPVWVMWMRGDQEQQGTHRGDFLPN
ADETWYLQATLDVEAGEEAGLACRVKHSSLGGQDIILYWHHHHHH
;
A
2 'polypeptide(L)'
;IQKTPQIQVYSRHPPENGKPNILNCYVTQFHPPHIEIQMLKNGKKIPKVEMSDMSFSKDWSFYILAHTEFTPTETDTYAC
RVKHASMAEPKTVYWDRDM
;
B
3 'polypeptide(L)'
;MKTQVEQSPQSLVVRQGENCVLQCNYSVTPDNHLRWFKQDTGKGLVSLTVLVDQKDKTSNGRYSATLDKDAKHSTLHITA
TLLDDTATYICVVGDRGSALGRLHFGAGTQLIVIPDIQNPDPAVYQLRDSKSSDKSVCLFTDFDSQTNVSQSKDSDVYIT
DKCVLDMRSMDFKSNSAVAWSNKSDFACANAFNNSIIPEDTFFPSPESS
;
C
4 'polypeptide(L)'
;MEAAVTQSPRNKVAVTGGKVTLSCNQTNNHNNMYWYRQDTGHGLRLIHYSYGAGSTEKGDIPDGYKASRPSQENFSLILE
LATPSQTSVYFCASGDEGYTQYFGPGTRLLVLEDLRNVTPPKVSLFEPSKAEISHTQKATLVCLATGFYPDHVELSWWVN
GKEVHSGVCTDPQPLKEQPALNDSRYSLSSRLRVSATFWQNPRNHFRCQVQFYGLSENDEWTQDRAKPVTQIVSAEAWGR
A
;
D
#
# COMPACT_ATOMS: atom_id res chain seq x y z
N LYS A 6 34.61 -20.60 22.01
CA LYS A 6 33.87 -19.88 23.08
C LYS A 6 32.58 -19.22 22.52
N ASN A 7 32.71 -18.01 21.95
CA ASN A 7 31.57 -17.11 21.71
C ASN A 7 31.12 -16.96 20.25
N TYR A 8 30.25 -17.85 19.79
CA TYR A 8 29.77 -17.80 18.40
C TYR A 8 28.86 -16.59 18.09
N THR A 9 28.98 -16.06 16.86
CA THR A 9 28.10 -15.00 16.35
C THR A 9 27.27 -15.48 15.14
N PHE A 10 25.97 -15.25 15.19
CA PHE A 10 25.07 -15.62 14.13
C PHE A 10 24.74 -14.38 13.33
N ARG A 11 24.94 -14.45 12.02
CA ARG A 11 24.91 -13.27 11.17
C ARG A 11 24.03 -13.51 9.96
N CYS A 12 22.97 -12.71 9.81
CA CYS A 12 22.13 -12.73 8.63
C CYS A 12 22.49 -11.53 7.77
N LEU A 13 23.26 -11.74 6.72
CA LEU A 13 23.69 -10.62 5.91
C LEU A 13 22.81 -10.50 4.68
N GLN A 14 22.14 -9.38 4.56
CA GLN A 14 21.33 -9.08 3.40
C GLN A 14 21.98 -7.98 2.59
N MET A 15 21.86 -8.08 1.28
CA MET A 15 22.37 -7.05 0.40
C MET A 15 21.39 -6.91 -0.73
N SER A 16 20.95 -5.68 -0.92
CA SER A 16 19.95 -5.37 -1.91
C SER A 16 20.45 -4.19 -2.75
N SER A 17 20.09 -4.22 -4.02
CA SER A 17 20.55 -3.23 -4.98
C SER A 17 19.36 -2.72 -5.76
N PHE A 18 19.22 -1.41 -5.85
CA PHE A 18 18.13 -0.82 -6.59
C PHE A 18 18.77 -0.01 -7.68
N ALA A 19 18.66 -0.51 -8.90
CA ALA A 19 19.40 0.05 -10.05
C ALA A 19 18.78 1.34 -10.50
N ASN A 20 17.45 1.31 -10.62
CA ASN A 20 16.66 2.43 -11.09
C ASN A 20 15.28 2.28 -10.44
N ARG A 21 14.25 2.94 -10.96
CA ARG A 21 12.92 2.88 -10.37
C ARG A 21 12.29 1.49 -10.43
N SER A 22 12.66 0.63 -11.39
CA SER A 22 11.94 -0.64 -11.54
C SER A 22 12.77 -1.91 -11.44
N TRP A 23 14.09 -1.80 -11.39
CA TRP A 23 14.96 -2.97 -11.28
C TRP A 23 15.59 -3.00 -9.89
N SER A 24 15.20 -3.96 -9.04
CA SER A 24 15.92 -4.22 -7.82
C SER A 24 16.24 -5.71 -7.69
N ARG A 25 17.15 -6.03 -6.77
CA ARG A 25 17.39 -7.42 -6.40
C ARG A 25 17.97 -7.54 -5.01
N THR A 26 17.55 -8.60 -4.32
CA THR A 26 17.87 -8.82 -2.91
C THR A 26 18.33 -10.26 -2.66
N ASP A 27 19.56 -10.38 -2.13
CA ASP A 27 20.22 -11.67 -1.87
C ASP A 27 20.76 -11.70 -0.44
N SER A 28 20.47 -12.76 0.32
CA SER A 28 21.01 -12.90 1.69
C SER A 28 21.84 -14.19 1.84
N VAL A 29 22.79 -14.22 2.77
CA VAL A 29 23.44 -15.47 3.17
C VAL A 29 23.53 -15.46 4.70
N VAL A 30 23.81 -16.59 5.35
CA VAL A 30 23.76 -16.61 6.82
C VAL A 30 24.89 -17.41 7.40
N TRP A 31 25.49 -16.89 8.48
CA TRP A 31 26.69 -17.46 9.07
C TRP A 31 26.53 -17.74 10.54
N LEU A 32 27.23 -18.77 10.99
CA LEU A 32 27.37 -19.07 12.41
C LEU A 32 28.85 -19.20 12.66
N GLY A 33 29.45 -18.17 13.25
CA GLY A 33 30.91 -18.03 13.17
C GLY A 33 31.30 -17.88 11.70
N ASP A 34 32.32 -18.63 11.28
CA ASP A 34 32.78 -18.64 9.88
C ASP A 34 32.15 -19.68 8.93
N LEU A 35 31.13 -20.42 9.37
CA LEU A 35 30.39 -21.42 8.52
C LEU A 35 29.01 -20.96 7.98
N GLN A 36 28.78 -21.08 6.66
CA GLN A 36 27.50 -20.67 6.07
C GLN A 36 26.39 -21.68 6.40
N THR A 37 25.24 -21.19 6.88
CA THR A 37 24.09 -22.05 7.21
C THR A 37 22.93 -21.89 6.23
N HIS A 38 22.79 -20.72 5.65
CA HIS A 38 21.68 -20.45 4.75
C HIS A 38 22.17 -19.58 3.61
N ARG A 39 21.28 -19.40 2.65
CA ARG A 39 21.58 -18.70 1.43
C ARG A 39 20.21 -18.48 0.86
N TRP A 40 19.88 -17.26 0.50
CA TRP A 40 18.59 -16.98 -0.10
C TRP A 40 18.72 -16.09 -1.30
N SER A 41 18.63 -16.68 -2.48
CA SER A 41 18.79 -15.95 -3.70
C SER A 41 17.56 -15.12 -4.08
N ASN A 42 17.79 -13.96 -4.70
CA ASN A 42 16.67 -13.16 -5.20
C ASN A 42 15.69 -14.00 -6.00
N ASP A 43 16.19 -14.86 -6.87
CA ASP A 43 15.34 -15.62 -7.80
C ASP A 43 14.77 -16.90 -7.19
N SER A 44 15.02 -17.12 -5.91
CA SER A 44 14.38 -18.18 -5.15
C SER A 44 13.24 -17.63 -4.28
N ALA A 45 12.07 -18.23 -4.44
CA ALA A 45 10.93 -17.98 -3.56
C ALA A 45 11.16 -18.43 -2.11
N THR A 46 12.26 -19.14 -1.89
CA THR A 46 12.42 -19.96 -0.71
C THR A 46 13.88 -19.94 -0.18
N ILE A 47 14.06 -20.07 1.11
CA ILE A 47 15.39 -20.00 1.71
C ILE A 47 16.06 -21.36 1.65
N SER A 48 17.38 -21.39 1.46
CA SER A 48 18.09 -22.65 1.28
C SER A 48 19.02 -22.99 2.41
N PHE A 49 18.86 -24.20 2.97
CA PHE A 49 19.83 -24.74 3.92
C PHE A 49 21.08 -25.04 3.16
N THR A 50 22.21 -24.62 3.70
CA THR A 50 23.50 -24.96 3.16
C THR A 50 24.15 -25.89 4.15
N LYS A 51 23.37 -26.48 5.05
CA LYS A 51 23.92 -27.46 5.97
C LYS A 51 22.80 -28.38 6.39
N PRO A 52 23.09 -29.66 6.63
CA PRO A 52 22.01 -30.58 6.98
C PRO A 52 21.25 -30.13 8.21
N TRP A 53 21.93 -29.41 9.11
CA TRP A 53 21.34 -28.98 10.40
C TRP A 53 20.92 -27.52 10.39
N SER A 54 20.64 -26.94 9.23
CA SER A 54 20.36 -25.51 9.13
C SER A 54 19.02 -25.07 9.70
N GLN A 55 18.06 -25.99 9.71
CA GLN A 55 16.74 -25.78 10.31
C GLN A 55 16.80 -25.67 11.84
N GLY A 56 17.91 -26.09 12.44
CA GLY A 56 18.09 -26.01 13.90
C GLY A 56 17.31 -27.05 14.69
N LYS A 57 16.74 -26.66 15.82
CA LYS A 57 15.80 -27.51 16.53
C LYS A 57 14.39 -26.95 16.35
N LEU A 58 14.14 -26.28 15.23
CA LEU A 58 12.77 -25.89 14.91
C LEU A 58 12.01 -27.04 14.26
N SER A 59 10.80 -27.28 14.72
CA SER A 59 9.86 -28.14 14.01
C SER A 59 9.60 -27.54 12.65
N ASN A 60 9.03 -28.32 11.75
CA ASN A 60 8.64 -27.80 10.45
C ASN A 60 7.67 -26.62 10.55
N GLN A 61 6.66 -26.76 11.40
CA GLN A 61 5.62 -25.73 11.53
C GLN A 61 6.29 -24.40 11.78
N GLN A 62 7.28 -24.40 12.67
CA GLN A 62 7.90 -23.16 13.09
C GLN A 62 8.68 -22.57 11.96
N TRP A 63 9.53 -23.40 11.37
CA TRP A 63 10.31 -22.99 10.22
C TRP A 63 9.41 -22.41 9.13
N GLU A 64 8.28 -23.05 8.83
CA GLU A 64 7.50 -22.62 7.68
C GLU A 64 6.91 -21.23 7.95
N LYS A 65 6.60 -20.95 9.23
CA LYS A 65 6.00 -19.66 9.63
C LYS A 65 7.08 -18.60 9.64
N LEU A 66 8.21 -18.93 10.25
CA LEU A 66 9.42 -18.09 10.18
C LEU A 66 9.84 -17.74 8.75
N GLN A 67 10.01 -18.74 7.90
CA GLN A 67 10.33 -18.49 6.51
C GLN A 67 9.29 -17.62 5.87
N HIS A 68 8.01 -17.89 6.13
CA HIS A 68 6.95 -17.12 5.49
C HIS A 68 6.98 -15.65 5.95
N MET A 69 7.41 -15.40 7.17
CA MET A 69 7.60 -14.04 7.64
C MET A 69 8.66 -13.33 6.79
N PHE A 70 9.67 -14.06 6.37
CA PHE A 70 10.74 -13.50 5.59
C PHE A 70 10.32 -13.28 4.16
N GLN A 71 9.59 -14.24 3.62
CA GLN A 71 9.05 -14.11 2.26
C GLN A 71 8.25 -12.86 2.09
N VAL A 72 7.42 -12.55 3.08
CA VAL A 72 6.60 -11.35 3.09
C VAL A 72 7.47 -10.12 3.25
N TYR A 73 8.41 -10.19 4.20
CA TYR A 73 9.31 -9.05 4.48
C TYR A 73 10.08 -8.62 3.24
N ARG A 74 10.65 -9.60 2.56
CA ARG A 74 11.43 -9.32 1.39
C ARG A 74 10.71 -8.48 0.33
N VAL A 75 9.51 -8.92 0.01
CA VAL A 75 8.67 -8.23 -0.95
C VAL A 75 8.33 -6.84 -0.40
N SER A 76 8.02 -6.81 0.89
CA SER A 76 7.60 -5.60 1.53
C SER A 76 8.77 -4.64 1.61
N PHE A 77 9.93 -5.18 1.95
CA PHE A 77 11.18 -4.38 2.00
C PHE A 77 11.45 -3.62 0.72
N THR A 78 11.22 -4.28 -0.40
CA THR A 78 11.59 -3.72 -1.68
C THR A 78 10.74 -2.54 -2.01
N ARG A 79 9.44 -2.66 -1.83
CA ARG A 79 8.53 -1.59 -2.23
C ARG A 79 8.81 -0.37 -1.39
N ASP A 80 9.07 -0.61 -0.10
CA ASP A 80 9.17 0.48 0.86
C ASP A 80 10.36 1.38 0.59
N ILE A 81 11.52 0.78 0.33
CA ILE A 81 12.68 1.50 -0.12
C ILE A 81 12.27 2.36 -1.31
N GLN A 82 11.61 1.73 -2.30
CA GLN A 82 11.25 2.44 -3.54
C GLN A 82 10.38 3.61 -3.26
N GLU A 83 9.45 3.45 -2.31
CA GLU A 83 8.57 4.53 -1.85
C GLU A 83 9.33 5.52 -0.99
N LEU A 84 10.24 5.03 -0.16
CA LEU A 84 11.11 5.95 0.58
C LEU A 84 11.99 6.81 -0.35
N VAL A 85 12.53 6.24 -1.43
CA VAL A 85 13.26 7.05 -2.39
C VAL A 85 12.36 8.07 -3.06
N LYS A 86 11.09 7.75 -3.27
CA LYS A 86 10.15 8.75 -3.79
C LYS A 86 9.90 9.91 -2.82
N MET A 87 9.75 9.58 -1.55
CA MET A 87 9.50 10.54 -0.51
C MET A 87 10.66 11.49 -0.40
N MET A 88 11.87 10.99 -0.57
CA MET A 88 13.04 11.84 -0.41
C MET A 88 13.38 12.63 -1.67
N SER A 89 13.41 11.96 -2.82
CA SER A 89 13.80 12.58 -4.09
C SER A 89 13.38 14.06 -4.15
N PRO A 90 14.24 14.92 -4.78
CA PRO A 90 15.45 14.52 -5.50
C PRO A 90 16.69 14.45 -4.62
N LYS A 91 16.53 14.57 -3.30
CA LYS A 91 17.67 14.48 -2.38
C LYS A 91 18.41 13.16 -2.55
N GLU A 92 17.68 12.10 -2.83
CA GLU A 92 18.33 10.83 -3.03
C GLU A 92 17.79 10.12 -4.23
N ASP A 93 18.67 9.39 -4.90
CA ASP A 93 18.38 8.80 -6.19
C ASP A 93 19.15 7.50 -6.43
N TYR A 94 18.58 6.63 -7.26
CA TYR A 94 19.23 5.37 -7.63
C TYR A 94 20.53 5.64 -8.42
N PRO A 95 21.47 4.68 -8.50
CA PRO A 95 21.50 3.39 -7.83
C PRO A 95 21.61 3.51 -6.31
N ILE A 96 20.95 2.62 -5.59
CA ILE A 96 21.05 2.59 -4.15
C ILE A 96 21.42 1.20 -3.71
N GLU A 97 22.29 1.13 -2.72
CA GLU A 97 22.67 -0.12 -2.08
C GLU A 97 22.32 -0.09 -0.59
N ILE A 98 21.32 -0.85 -0.20
CA ILE A 98 21.11 -1.09 1.21
C ILE A 98 21.78 -2.41 1.53
N GLN A 99 22.32 -2.52 2.74
CA GLN A 99 22.79 -3.78 3.31
C GLN A 99 22.35 -3.86 4.76
N LEU A 100 21.81 -5.00 5.16
CA LEU A 100 21.50 -5.24 6.55
C LEU A 100 22.43 -6.26 7.11
N SER A 101 22.79 -6.11 8.39
CA SER A 101 23.45 -7.17 9.13
C SER A 101 22.73 -7.35 10.46
N ALA A 102 22.34 -8.59 10.76
CA ALA A 102 21.42 -8.88 11.85
C ALA A 102 21.60 -10.29 12.40
N GLY A 103 21.37 -10.42 13.70
CA GLY A 103 21.56 -11.68 14.38
C GLY A 103 21.89 -11.43 15.83
N CYS A 104 22.41 -12.47 16.49
CA CYS A 104 22.72 -12.42 17.90
C CYS A 104 24.05 -13.12 18.17
N GLU A 105 24.73 -12.68 19.21
CA GLU A 105 25.97 -13.32 19.62
C GLU A 105 25.68 -14.01 20.93
N MET A 106 26.08 -15.27 21.05
CA MET A 106 25.75 -16.12 22.21
C MET A 106 26.89 -16.19 23.20
N TYR A 107 26.55 -16.28 24.48
CA TYR A 107 27.54 -16.32 25.57
C TYR A 107 27.16 -17.42 26.58
N PRO A 108 28.16 -17.90 27.38
CA PRO A 108 27.94 -18.66 28.60
C PRO A 108 26.78 -18.13 29.41
N GLY A 109 26.14 -19.00 30.17
CA GLY A 109 24.79 -18.76 30.66
C GLY A 109 23.83 -18.91 29.48
N ASN A 110 22.61 -18.46 29.68
CA ASN A 110 21.69 -18.28 28.58
C ASN A 110 21.73 -16.76 28.29
N ALA A 111 22.90 -16.27 27.89
CA ALA A 111 23.13 -14.84 27.67
C ALA A 111 23.45 -14.55 26.19
N SER A 112 22.93 -13.44 25.67
CA SER A 112 23.13 -13.04 24.27
C SER A 112 22.80 -11.55 24.00
N GLU A 113 23.57 -10.88 23.15
CA GLU A 113 23.18 -9.57 22.61
C GLU A 113 22.73 -9.80 21.17
N SER A 114 21.72 -9.05 20.73
CA SER A 114 21.25 -9.12 19.34
C SER A 114 21.44 -7.79 18.65
N PHE A 115 21.61 -7.77 17.35
CA PHE A 115 21.83 -6.53 16.63
C PHE A 115 21.04 -6.51 15.34
N LEU A 116 20.85 -5.33 14.79
CA LEU A 116 20.25 -5.16 13.48
C LEU A 116 20.75 -3.83 12.95
N HIS A 117 21.73 -3.90 12.08
CA HIS A 117 22.39 -2.69 11.63
C HIS A 117 22.14 -2.57 10.17
N VAL A 118 21.86 -1.34 9.74
CA VAL A 118 21.60 -1.06 8.36
C VAL A 118 22.65 -0.10 7.81
N ALA A 119 22.97 -0.26 6.53
CA ALA A 119 23.93 0.58 5.87
C ALA A 119 23.39 1.05 4.53
N PHE A 120 23.77 2.26 4.17
CA PHE A 120 23.27 2.94 2.96
C PHE A 120 24.47 3.48 2.16
N GLN A 121 24.55 3.03 0.92
CA GLN A 121 25.69 3.27 0.06
C GLN A 121 26.99 2.95 0.76
N GLY A 122 27.01 1.91 1.60
CA GLY A 122 28.24 1.42 2.23
C GLY A 122 28.53 1.99 3.60
N LYS A 123 27.73 2.97 4.03
CA LYS A 123 27.98 3.59 5.32
C LYS A 123 26.87 3.11 6.28
N TYR A 124 27.30 2.65 7.46
CA TYR A 124 26.40 2.24 8.55
C TYR A 124 25.71 3.49 9.04
N VAL A 125 24.37 3.48 9.00
CA VAL A 125 23.55 4.66 9.35
C VAL A 125 22.40 4.42 10.31
N VAL A 126 21.83 3.22 10.32
CA VAL A 126 20.60 2.98 11.04
C VAL A 126 20.66 1.68 11.78
N ARG A 127 19.92 1.59 12.87
CA ARG A 127 19.78 0.33 13.57
C ARG A 127 18.43 0.24 14.19
N PHE A 128 17.99 -0.99 14.45
CA PHE A 128 16.90 -1.18 15.37
C PHE A 128 17.57 -1.30 16.71
N TRP A 129 17.03 -0.60 17.71
CA TRP A 129 17.60 -0.59 19.04
C TRP A 129 16.50 -0.35 20.05
N GLY A 130 16.41 -1.23 21.03
CA GLY A 130 15.31 -1.26 21.98
C GLY A 130 14.00 -1.65 21.35
N THR A 131 13.35 -0.65 20.81
CA THR A 131 11.92 -0.61 20.57
C THR A 131 11.56 0.15 19.28
N SER A 132 12.57 0.58 18.54
CA SER A 132 12.41 1.55 17.46
C SER A 132 13.69 1.55 16.63
N TRP A 133 13.56 2.10 15.44
CA TRP A 133 14.71 2.43 14.66
C TRP A 133 15.30 3.76 15.16
N GLN A 134 16.54 3.98 14.82
CA GLN A 134 17.20 5.24 15.08
C GLN A 134 18.48 5.35 14.27
N THR A 135 18.91 6.59 14.01
CA THR A 135 20.18 6.73 13.30
C THR A 135 21.32 6.62 14.30
N VAL A 136 22.49 6.28 13.79
CA VAL A 136 23.71 6.29 14.58
C VAL A 136 24.48 7.59 14.31
N PRO A 137 25.42 7.93 15.19
CA PRO A 137 26.35 9.05 14.95
C PRO A 137 26.96 9.10 13.54
N GLY A 138 26.97 10.30 12.97
CA GLY A 138 27.48 10.51 11.64
C GLY A 138 26.46 10.49 10.53
N ALA A 139 25.25 9.98 10.79
CA ALA A 139 24.25 9.79 9.74
C ALA A 139 23.74 11.12 9.23
N PRO A 140 23.28 11.17 7.98
CA PRO A 140 22.68 12.39 7.46
C PRO A 140 21.32 12.72 8.11
N SER A 141 21.04 13.98 8.32
CA SER A 141 19.80 14.38 8.98
C SER A 141 18.54 13.96 8.22
N TRP A 142 18.67 13.70 6.91
CA TRP A 142 17.49 13.50 6.06
C TRP A 142 16.85 12.18 6.40
N LEU A 143 17.66 11.25 6.88
CA LEU A 143 17.13 9.98 7.35
C LEU A 143 16.05 10.14 8.41
N ASP A 144 16.05 11.23 9.17
CA ASP A 144 15.01 11.47 10.16
C ASP A 144 13.58 11.30 9.61
N LEU A 145 13.35 11.53 8.32
CA LEU A 145 12.01 11.31 7.79
C LEU A 145 11.77 9.86 7.48
N PRO A 146 12.68 9.21 6.78
CA PRO A 146 12.56 7.78 6.70
C PRO A 146 12.36 7.09 8.05
N ILE A 147 13.16 7.47 9.03
CA ILE A 147 13.10 6.80 10.32
C ILE A 147 11.81 7.10 11.07
N LYS A 148 11.24 8.27 10.85
CA LYS A 148 10.02 8.63 11.53
C LYS A 148 8.87 7.81 10.98
N VAL A 149 9.00 7.46 9.71
CA VAL A 149 8.00 6.70 9.04
C VAL A 149 8.13 5.26 9.49
N LEU A 150 9.33 4.72 9.49
CA LEU A 150 9.44 3.29 9.84
C LEU A 150 8.95 3.07 11.25
N ASN A 151 9.17 4.08 12.12
CA ASN A 151 8.75 4.00 13.51
C ASN A 151 7.25 4.20 13.70
N ALA A 152 6.54 4.68 12.68
CA ALA A 152 5.08 4.71 12.68
C ALA A 152 4.44 3.31 12.73
N ASP A 153 5.12 2.31 12.15
CA ASP A 153 4.62 0.94 11.92
C ASP A 153 4.81 0.08 13.16
N GLN A 154 3.81 0.12 14.05
CA GLN A 154 3.94 -0.54 15.35
C GLN A 154 4.03 -2.04 15.16
N GLY A 155 3.35 -2.56 14.14
CA GLY A 155 3.36 -3.98 13.82
C GLY A 155 4.71 -4.52 13.45
N THR A 156 5.47 -3.76 12.69
CA THR A 156 6.85 -4.16 12.39
C THR A 156 7.72 -4.11 13.62
N SER A 157 7.53 -3.11 14.47
CA SER A 157 8.32 -2.99 15.69
C SER A 157 8.16 -4.19 16.63
N ALA A 158 6.92 -4.63 16.87
CA ALA A 158 6.74 -5.77 17.75
C ALA A 158 7.40 -7.00 17.14
N THR A 159 7.23 -7.19 15.83
CA THR A 159 7.81 -8.36 15.18
C THR A 159 9.34 -8.35 15.32
N VAL A 160 9.98 -7.30 14.82
CA VAL A 160 11.42 -7.17 14.93
C VAL A 160 11.90 -7.37 16.39
N GLN A 161 11.25 -6.69 17.35
CA GLN A 161 11.50 -6.93 18.77
C GLN A 161 11.42 -8.40 19.18
N MET A 162 10.45 -9.12 18.64
CA MET A 162 10.35 -10.55 18.89
C MET A 162 11.51 -11.34 18.27
N LEU A 163 11.88 -11.02 17.04
CA LEU A 163 13.01 -11.72 16.38
C LEU A 163 14.35 -11.50 17.09
N LEU A 164 14.61 -10.27 17.53
CA LEU A 164 15.87 -9.97 18.18
C LEU A 164 15.89 -10.52 19.62
N ASN A 165 14.83 -10.26 20.41
CA ASN A 165 14.86 -10.58 21.84
C ASN A 165 14.72 -12.08 22.06
N ASP A 166 13.79 -12.72 21.37
CA ASP A 166 13.46 -14.11 21.68
C ASP A 166 13.88 -15.13 20.65
N THR A 167 13.50 -14.92 19.38
CA THR A 167 13.68 -15.93 18.32
C THR A 167 15.14 -16.25 17.97
N CYS A 168 15.96 -15.23 17.73
CA CYS A 168 17.35 -15.42 17.36
C CYS A 168 18.06 -16.22 18.44
N PRO A 169 18.12 -15.70 19.68
CA PRO A 169 18.86 -16.50 20.65
C PRO A 169 18.29 -17.91 20.79
N LEU A 170 16.98 -18.05 20.71
CA LEU A 170 16.39 -19.35 20.86
C LEU A 170 16.90 -20.27 19.73
N PHE A 171 16.66 -19.82 18.51
CA PHE A 171 17.02 -20.53 17.30
C PHE A 171 18.50 -20.86 17.30
N VAL A 172 19.33 -19.85 17.48
CA VAL A 172 20.78 -20.07 17.46
C VAL A 172 21.24 -21.02 18.55
N ARG A 173 20.54 -21.04 19.69
CA ARG A 173 20.90 -22.00 20.73
C ARG A 173 20.64 -23.41 20.21
N GLY A 174 19.62 -23.58 19.38
CA GLY A 174 19.28 -24.87 18.81
C GLY A 174 20.26 -25.28 17.74
N LEU A 175 20.59 -24.33 16.88
CA LEU A 175 21.64 -24.54 15.90
C LEU A 175 22.92 -25.12 16.49
N LEU A 176 23.38 -24.57 17.61
CA LEU A 176 24.68 -24.98 18.17
C LEU A 176 24.63 -26.40 18.70
N GLU A 177 23.45 -26.85 19.11
CA GLU A 177 23.25 -28.25 19.44
C GLU A 177 23.35 -29.12 18.17
N ALA A 178 22.56 -28.80 17.15
CA ALA A 178 22.52 -29.60 15.92
C ALA A 178 23.83 -29.58 15.11
N GLY A 179 24.63 -28.54 15.28
CA GLY A 179 25.85 -28.38 14.51
C GLY A 179 27.11 -28.82 15.21
N LYS A 180 27.03 -29.17 16.50
CA LYS A 180 28.23 -29.56 17.27
C LYS A 180 29.32 -30.22 16.37
N SER A 181 28.95 -31.26 15.61
CA SER A 181 29.94 -31.97 14.78
C SER A 181 30.77 -31.10 13.86
N ASP A 182 30.10 -30.38 12.98
CA ASP A 182 30.77 -29.46 12.05
C ASP A 182 31.45 -28.32 12.79
N LEU A 183 30.72 -27.72 13.73
CA LEU A 183 31.24 -26.57 14.45
C LEU A 183 32.52 -26.87 15.19
N GLU A 184 32.63 -28.11 15.68
CA GLU A 184 33.81 -28.55 16.44
C GLU A 184 34.73 -29.41 15.61
N LYS A 185 34.58 -29.39 14.29
CA LYS A 185 35.49 -30.07 13.36
C LYS A 185 36.94 -29.66 13.53
N GLN A 186 37.85 -30.62 13.35
CA GLN A 186 39.29 -30.38 13.25
C GLN A 186 39.81 -30.89 11.89
N GLU A 187 40.41 -30.01 11.10
CA GLU A 187 41.07 -30.38 9.83
C GLU A 187 42.56 -30.05 9.93
N LYS A 188 43.40 -30.96 9.44
CA LYS A 188 44.85 -30.80 9.55
C LYS A 188 45.35 -29.88 8.43
N PRO A 189 46.17 -28.88 8.76
CA PRO A 189 46.81 -28.07 7.73
C PRO A 189 47.87 -28.86 6.99
N VAL A 190 48.17 -28.42 5.78
CA VAL A 190 49.30 -28.94 5.01
C VAL A 190 50.13 -27.72 4.72
N ALA A 191 51.45 -27.88 4.59
CA ALA A 191 52.36 -26.75 4.30
C ALA A 191 53.38 -27.01 3.21
N TRP A 192 53.72 -25.96 2.47
CA TRP A 192 54.82 -26.01 1.51
C TRP A 192 55.67 -24.73 1.53
N LEU A 193 56.92 -24.81 1.10
CA LEU A 193 57.78 -23.62 1.04
C LEU A 193 58.00 -23.17 -0.40
N SER A 194 58.30 -21.89 -0.57
CA SER A 194 58.55 -21.29 -1.90
C SER A 194 59.32 -19.98 -1.71
N SER A 195 59.65 -19.31 -2.81
CA SER A 195 60.41 -18.06 -2.72
C SER A 195 60.28 -17.19 -3.96
N VAL A 196 60.69 -15.94 -3.81
CA VAL A 196 60.60 -14.95 -4.86
C VAL A 196 61.52 -13.78 -4.43
N PRO A 197 61.81 -12.81 -5.32
CA PRO A 197 62.42 -11.52 -4.87
C PRO A 197 61.42 -10.48 -4.33
N ARG A 204 65.01 -11.44 -1.51
CA ARG A 204 64.65 -12.85 -1.62
C ARG A 204 63.70 -13.30 -0.46
N GLN A 205 62.40 -13.44 -0.79
CA GLN A 205 61.34 -13.69 0.22
C GLN A 205 60.99 -15.18 0.37
N LEU A 206 61.36 -15.75 1.51
CA LEU A 206 60.90 -17.09 1.88
C LEU A 206 59.37 -17.01 2.15
N VAL A 207 58.66 -18.12 1.91
CA VAL A 207 57.20 -18.15 2.00
C VAL A 207 56.75 -19.50 2.51
N CYS A 208 55.95 -19.47 3.56
CA CYS A 208 55.42 -20.68 4.12
C CYS A 208 53.94 -20.70 3.83
N HIS A 209 53.49 -21.70 3.07
CA HIS A 209 52.09 -21.81 2.72
C HIS A 209 51.46 -22.80 3.69
N VAL A 210 50.31 -22.47 4.25
CA VAL A 210 49.59 -23.39 5.09
C VAL A 210 48.17 -23.43 4.58
N SER A 211 47.59 -24.62 4.47
CA SER A 211 46.28 -24.73 3.84
C SER A 211 45.56 -26.00 4.20
N GLY A 212 44.24 -25.87 4.40
CA GLY A 212 43.36 -26.98 4.75
C GLY A 212 42.91 -27.03 6.19
N PHE A 213 43.34 -26.06 7.00
CA PHE A 213 43.11 -26.13 8.46
C PHE A 213 41.76 -25.57 8.89
N TYR A 214 41.14 -26.24 9.86
CA TYR A 214 39.95 -25.75 10.57
C TYR A 214 40.01 -26.17 12.03
N PRO A 215 39.74 -25.25 12.97
CA PRO A 215 39.26 -23.86 12.85
C PRO A 215 40.37 -22.88 12.66
N LYS A 216 39.96 -21.61 12.59
CA LYS A 216 40.82 -20.52 12.13
C LYS A 216 42.06 -20.22 12.97
N PRO A 217 41.98 -20.35 14.31
CA PRO A 217 43.24 -20.08 15.03
C PRO A 217 44.41 -20.99 14.60
N VAL A 218 45.56 -20.37 14.36
CA VAL A 218 46.78 -21.04 13.89
C VAL A 218 48.02 -20.18 14.15
N TRP A 219 49.15 -20.83 14.43
CA TRP A 219 50.40 -20.11 14.70
C TRP A 219 51.47 -20.52 13.69
N VAL A 220 51.94 -19.57 12.87
CA VAL A 220 52.97 -19.86 11.88
C VAL A 220 54.14 -18.92 12.02
N MET A 221 55.33 -19.51 12.19
CA MET A 221 56.53 -18.75 12.48
C MET A 221 57.72 -19.37 11.72
N TRP A 222 58.55 -18.51 11.12
CA TRP A 222 59.85 -18.94 10.58
C TRP A 222 60.85 -19.03 11.73
N MET A 223 61.82 -19.93 11.61
CA MET A 223 62.77 -20.18 12.70
C MET A 223 64.15 -20.60 12.20
N ARG A 224 65.19 -19.97 12.74
CA ARG A 224 66.54 -20.55 12.66
C ARG A 224 66.70 -21.39 13.93
N GLY A 225 66.50 -22.70 13.80
CA GLY A 225 66.55 -23.64 14.93
C GLY A 225 65.47 -23.39 15.97
N ASP A 226 65.90 -23.04 17.19
CA ASP A 226 64.99 -22.72 18.28
C ASP A 226 64.75 -21.20 18.41
N GLN A 227 65.31 -20.38 17.51
CA GLN A 227 65.17 -18.91 17.58
C GLN A 227 64.17 -18.32 16.55
N GLU A 228 62.94 -18.13 16.99
CA GLU A 228 61.86 -17.54 16.17
C GLU A 228 62.30 -16.29 15.40
N GLN A 229 62.53 -16.41 14.11
CA GLN A 229 62.87 -15.24 13.31
C GLN A 229 61.71 -14.21 13.39
N GLN A 230 62.01 -13.06 13.99
CA GLN A 230 61.03 -12.03 14.35
C GLN A 230 60.51 -11.20 13.18
N GLY A 231 61.21 -11.18 12.05
CA GLY A 231 60.78 -10.40 10.89
C GLY A 231 59.61 -10.96 10.10
N THR A 232 59.13 -12.15 10.49
CA THR A 232 57.96 -12.81 9.88
C THR A 232 56.79 -11.84 9.60
N HIS A 233 56.06 -12.10 8.52
CA HIS A 233 54.81 -11.39 8.28
C HIS A 233 53.69 -12.39 8.02
N ARG A 234 52.74 -12.48 8.95
CA ARG A 234 51.48 -13.24 8.74
C ARG A 234 50.67 -12.52 7.66
N GLY A 235 50.11 -13.28 6.72
CA GLY A 235 49.20 -12.72 5.74
C GLY A 235 47.78 -12.78 6.28
N ASP A 236 46.82 -12.51 5.41
CA ASP A 236 45.43 -12.63 5.82
C ASP A 236 44.95 -14.07 5.69
N PHE A 237 43.93 -14.39 6.47
CA PHE A 237 43.22 -15.62 6.28
C PHE A 237 42.37 -15.52 5.01
N LEU A 238 42.73 -16.33 4.01
CA LEU A 238 41.94 -16.50 2.80
C LEU A 238 41.21 -17.80 2.97
N PRO A 239 39.99 -17.90 2.44
CA PRO A 239 39.27 -19.16 2.53
C PRO A 239 39.60 -20.05 1.38
N ASN A 240 39.37 -21.34 1.58
CA ASN A 240 39.26 -22.31 0.51
C ASN A 240 37.76 -22.62 0.37
N ALA A 241 37.37 -23.26 -0.73
CA ALA A 241 35.96 -23.56 -1.02
C ALA A 241 35.33 -24.61 -0.11
N ASP A 242 36.14 -25.49 0.46
CA ASP A 242 35.65 -26.59 1.29
C ASP A 242 35.52 -26.20 2.77
N GLU A 243 35.51 -24.92 3.07
CA GLU A 243 35.39 -24.44 4.46
C GLU A 243 36.61 -24.79 5.34
N THR A 244 37.76 -24.52 4.78
CA THR A 244 39.00 -24.65 5.49
C THR A 244 39.65 -23.34 5.21
N TRP A 245 40.79 -23.11 5.84
CA TRP A 245 41.46 -21.85 5.71
C TRP A 245 42.83 -21.99 5.05
N TYR A 246 43.25 -20.90 4.45
CA TYR A 246 44.57 -20.74 3.89
C TYR A 246 45.24 -19.48 4.48
N LEU A 247 46.54 -19.56 4.75
CA LEU A 247 47.33 -18.45 5.29
C LEU A 247 48.80 -18.65 4.95
N GLN A 248 49.54 -17.55 4.82
CA GLN A 248 50.98 -17.62 4.53
C GLN A 248 51.82 -16.61 5.28
N ALA A 249 53.06 -16.99 5.57
CA ALA A 249 54.01 -16.14 6.29
C ALA A 249 55.26 -15.95 5.45
N THR A 250 55.66 -14.69 5.24
CA THR A 250 56.87 -14.36 4.46
C THR A 250 58.03 -13.86 5.35
N LEU A 251 59.28 -14.02 4.87
CA LEU A 251 60.46 -13.48 5.56
C LEU A 251 61.47 -12.90 4.57
N ASP A 252 61.67 -11.58 4.59
CA ASP A 252 62.68 -10.94 3.71
C ASP A 252 64.06 -11.33 4.22
N VAL A 253 64.84 -12.00 3.37
CA VAL A 253 66.20 -12.46 3.74
C VAL A 253 67.27 -12.21 2.66
N GLU A 254 68.48 -11.91 3.10
CA GLU A 254 69.62 -11.72 2.21
C GLU A 254 69.87 -13.05 1.48
N ALA A 255 69.92 -12.99 0.14
CA ALA A 255 70.15 -14.19 -0.65
C ALA A 255 71.36 -14.95 -0.08
N GLY A 256 71.27 -16.27 -0.02
CA GLY A 256 72.33 -17.10 0.55
C GLY A 256 72.07 -17.53 2.00
N GLU A 257 71.27 -16.77 2.73
CA GLU A 257 71.04 -17.04 4.15
C GLU A 257 69.91 -18.05 4.41
N GLU A 258 69.50 -18.77 3.38
CA GLU A 258 68.34 -19.64 3.47
C GLU A 258 68.62 -20.87 4.34
N ALA A 259 69.86 -21.37 4.26
CA ALA A 259 70.29 -22.56 5.01
C ALA A 259 69.79 -22.56 6.46
N GLY A 260 69.26 -23.71 6.90
CA GLY A 260 68.87 -23.91 8.29
C GLY A 260 67.65 -23.13 8.78
N LEU A 261 66.86 -22.58 7.86
CA LEU A 261 65.57 -21.99 8.24
C LEU A 261 64.47 -23.05 8.19
N ALA A 262 63.61 -23.07 9.21
CA ALA A 262 62.44 -23.95 9.25
C ALA A 262 61.14 -23.14 9.33
N CYS A 263 60.02 -23.82 9.11
CA CYS A 263 58.71 -23.18 9.26
C CYS A 263 57.86 -23.99 10.25
N ARG A 264 57.81 -23.55 11.51
CA ARG A 264 56.98 -24.26 12.51
C ARG A 264 55.54 -23.74 12.45
N VAL A 265 54.62 -24.69 12.29
CA VAL A 265 53.19 -24.41 12.24
C VAL A 265 52.53 -25.18 13.37
N LYS A 266 51.76 -24.45 14.20
CA LYS A 266 50.96 -25.03 15.27
C LYS A 266 49.48 -25.02 14.92
N HIS A 267 48.78 -26.10 15.25
CA HIS A 267 47.32 -26.18 15.09
C HIS A 267 46.69 -27.24 15.99
N SER A 268 45.48 -26.96 16.46
CA SER A 268 44.72 -27.87 17.34
C SER A 268 44.38 -29.21 16.66
N SER A 269 44.26 -29.17 15.34
CA SER A 269 44.18 -30.35 14.50
C SER A 269 45.32 -31.30 14.82
N LEU A 270 46.52 -30.76 14.85
CA LEU A 270 47.74 -31.52 15.03
C LEU A 270 47.94 -31.82 16.51
N GLY A 271 47.49 -32.98 16.95
CA GLY A 271 47.60 -33.31 18.37
C GLY A 271 49.06 -33.38 18.76
N GLY A 272 49.58 -32.26 19.27
CA GLY A 272 50.97 -32.20 19.76
C GLY A 272 52.05 -32.05 18.70
N GLN A 273 52.26 -33.08 17.91
CA GLN A 273 53.30 -33.05 16.88
C GLN A 273 53.04 -31.91 15.87
N ASP A 274 53.97 -30.94 15.80
CA ASP A 274 53.90 -29.81 14.85
C ASP A 274 54.40 -30.20 13.47
N ILE A 275 54.24 -29.28 12.52
CA ILE A 275 54.79 -29.42 11.17
C ILE A 275 56.06 -28.58 11.10
N ILE A 276 57.21 -29.22 10.92
CA ILE A 276 58.47 -28.53 10.70
C ILE A 276 58.91 -28.75 9.25
N LEU A 277 59.08 -27.66 8.50
CA LEU A 277 59.63 -27.73 7.13
C LEU A 277 60.97 -27.01 7.03
N TYR A 278 61.99 -27.71 6.53
CA TYR A 278 63.29 -27.11 6.36
C TYR A 278 63.46 -26.69 4.91
N TRP A 279 64.24 -25.64 4.68
CA TRP A 279 64.43 -25.09 3.34
C TRP A 279 65.20 -26.06 2.44
N GLN B 2 33.08 4.36 -4.01
CA GLN B 2 33.66 3.11 -4.62
C GLN B 2 34.85 2.54 -3.83
N LYS B 3 35.18 1.28 -4.10
CA LYS B 3 36.40 0.71 -3.56
C LYS B 3 36.94 -0.29 -4.55
N THR B 4 38.28 -0.34 -4.62
CA THR B 4 39.01 -1.19 -5.57
C THR B 4 39.05 -2.64 -5.09
N PRO B 5 38.83 -3.61 -6.01
CA PRO B 5 38.92 -5.01 -5.67
C PRO B 5 40.36 -5.43 -5.30
N GLN B 6 40.54 -6.25 -4.26
CA GLN B 6 41.84 -6.88 -3.94
C GLN B 6 41.78 -8.37 -4.32
N ILE B 7 42.52 -8.72 -5.35
CA ILE B 7 42.48 -10.06 -5.91
C ILE B 7 43.58 -10.91 -5.29
N GLN B 8 43.33 -12.19 -5.15
CA GLN B 8 44.33 -13.09 -4.58
C GLN B 8 44.18 -14.48 -5.12
N VAL B 9 45.19 -14.91 -5.90
CA VAL B 9 45.14 -16.18 -6.55
C VAL B 9 46.02 -17.16 -5.80
N TYR B 10 45.45 -18.29 -5.39
CA TYR B 10 46.19 -19.28 -4.61
C TYR B 10 45.59 -20.68 -4.79
N SER B 11 46.43 -21.70 -4.66
CA SER B 11 46.02 -23.08 -4.88
C SER B 11 45.65 -23.74 -3.56
N ARG B 12 44.66 -24.64 -3.62
CA ARG B 12 44.17 -25.38 -2.44
C ARG B 12 45.23 -26.31 -1.89
N HIS B 13 45.87 -27.06 -2.79
CA HIS B 13 46.84 -28.06 -2.37
C HIS B 13 48.21 -27.60 -2.81
N PRO B 14 49.26 -28.10 -2.17
CA PRO B 14 50.60 -27.80 -2.65
C PRO B 14 50.75 -28.14 -4.13
N PRO B 15 51.15 -27.13 -4.94
CA PRO B 15 51.15 -27.32 -6.39
C PRO B 15 52.21 -28.29 -6.83
N GLU B 16 51.90 -29.05 -7.86
CA GLU B 16 52.77 -30.10 -8.37
C GLU B 16 52.34 -30.35 -9.82
N ASN B 17 53.30 -30.39 -10.74
CA ASN B 17 52.94 -30.54 -12.15
C ASN B 17 52.33 -31.89 -12.48
N GLY B 18 51.45 -31.90 -13.47
CA GLY B 18 50.70 -33.09 -13.83
C GLY B 18 49.66 -33.55 -12.82
N LYS B 19 49.77 -33.12 -11.56
CA LYS B 19 48.85 -33.54 -10.48
C LYS B 19 47.68 -32.54 -10.33
N PRO B 20 46.43 -33.01 -10.52
CA PRO B 20 45.24 -32.15 -10.35
C PRO B 20 45.09 -31.47 -8.97
N ASN B 21 44.28 -30.42 -8.96
CA ASN B 21 44.25 -29.47 -7.84
C ASN B 21 43.04 -28.52 -7.98
N ILE B 22 42.89 -27.58 -7.07
CA ILE B 22 41.91 -26.53 -7.22
C ILE B 22 42.60 -25.20 -7.04
N LEU B 23 42.24 -24.26 -7.91
CA LEU B 23 42.82 -22.93 -7.94
C LEU B 23 41.75 -21.94 -7.48
N ASN B 24 42.11 -21.12 -6.47
CA ASN B 24 41.23 -20.11 -5.91
C ASN B 24 41.57 -18.71 -6.38
N CYS B 25 40.52 -17.93 -6.64
CA CYS B 25 40.63 -16.49 -6.83
C CYS B 25 39.71 -15.79 -5.83
N TYR B 26 40.31 -15.05 -4.93
CA TYR B 26 39.59 -14.46 -3.84
C TYR B 26 39.50 -12.95 -4.07
N VAL B 27 38.30 -12.42 -4.33
CA VAL B 27 38.13 -11.01 -4.58
C VAL B 27 37.43 -10.34 -3.38
N THR B 28 37.95 -9.20 -2.93
CA THR B 28 37.54 -8.64 -1.65
C THR B 28 37.51 -7.13 -1.63
N GLN B 29 36.84 -6.57 -0.61
CA GLN B 29 37.01 -5.15 -0.24
C GLN B 29 36.55 -4.23 -1.36
N PHE B 30 35.40 -4.53 -1.98
CA PHE B 30 34.89 -3.72 -3.11
C PHE B 30 33.47 -3.29 -2.91
N HIS B 31 33.14 -2.18 -3.53
CA HIS B 31 31.80 -1.59 -3.45
CA HIS B 31 31.76 -1.70 -3.54
C HIS B 31 31.63 -0.73 -4.70
N PRO B 32 30.48 -0.80 -5.39
CA PRO B 32 29.25 -1.62 -5.24
C PRO B 32 29.47 -3.05 -5.70
N PRO B 33 28.60 -4.00 -5.29
CA PRO B 33 28.81 -5.44 -5.48
C PRO B 33 28.63 -6.02 -6.89
N HIS B 34 28.18 -5.26 -7.87
CA HIS B 34 28.14 -5.77 -9.24
C HIS B 34 29.57 -5.97 -9.72
N ILE B 35 29.97 -7.22 -9.94
CA ILE B 35 31.34 -7.53 -10.43
C ILE B 35 31.31 -8.61 -11.52
N GLU B 36 32.27 -8.60 -12.43
CA GLU B 36 32.47 -9.72 -13.35
C GLU B 36 33.82 -10.36 -13.04
N ILE B 37 33.83 -11.65 -12.70
CA ILE B 37 35.04 -12.38 -12.38
C ILE B 37 35.20 -13.56 -13.33
N GLN B 38 36.35 -13.66 -13.99
CA GLN B 38 36.65 -14.81 -14.82
C GLN B 38 37.92 -15.47 -14.35
N MET B 39 38.10 -16.74 -14.68
CA MET B 39 39.35 -17.41 -14.39
C MET B 39 39.96 -17.90 -15.69
N LEU B 40 41.22 -17.56 -15.94
CA LEU B 40 41.83 -17.75 -17.25
C LEU B 40 42.92 -18.79 -17.23
N LYS B 41 42.90 -19.64 -18.25
CA LYS B 41 44.02 -20.50 -18.61
C LYS B 41 44.54 -19.93 -19.92
N ASN B 42 45.82 -19.56 -19.93
CA ASN B 42 46.43 -18.94 -21.09
C ASN B 42 45.49 -17.91 -21.72
N GLY B 43 45.07 -16.95 -20.91
CA GLY B 43 44.31 -15.79 -21.38
C GLY B 43 42.96 -16.10 -21.98
N LYS B 44 42.40 -17.26 -21.63
CA LYS B 44 41.21 -17.81 -22.26
C LYS B 44 40.25 -18.26 -21.17
N LYS B 45 38.97 -17.96 -21.32
CA LYS B 45 38.01 -18.19 -20.25
C LYS B 45 37.82 -19.66 -19.89
N ILE B 46 38.23 -20.05 -18.68
CA ILE B 46 37.97 -21.40 -18.19
C ILE B 46 36.47 -21.61 -18.04
N PRO B 47 35.94 -22.71 -18.61
CA PRO B 47 34.47 -22.88 -18.71
C PRO B 47 33.71 -23.25 -17.41
N LYS B 48 34.26 -24.18 -16.62
CA LYS B 48 33.55 -24.67 -15.43
C LYS B 48 34.10 -24.01 -14.15
N VAL B 49 33.66 -22.77 -13.88
CA VAL B 49 34.11 -22.02 -12.69
C VAL B 49 33.00 -21.82 -11.67
N GLU B 50 33.31 -22.11 -10.41
CA GLU B 50 32.33 -22.04 -9.33
C GLU B 50 32.50 -20.82 -8.43
N MET B 51 31.37 -20.23 -8.07
CA MET B 51 31.33 -19.05 -7.20
C MET B 51 30.70 -19.39 -5.89
N SER B 52 31.27 -18.92 -4.80
CA SER B 52 30.56 -18.90 -3.54
C SER B 52 29.50 -17.85 -3.69
N ASP B 53 28.54 -17.83 -2.77
CA ASP B 53 27.61 -16.72 -2.69
C ASP B 53 28.36 -15.47 -2.24
N MET B 54 27.90 -14.32 -2.69
CA MET B 54 28.51 -13.09 -2.22
C MET B 54 28.18 -12.84 -0.74
N SER B 55 29.09 -12.18 -0.06
CA SER B 55 28.94 -11.88 1.34
C SER B 55 29.62 -10.49 1.62
N PHE B 56 29.67 -10.07 2.88
CA PHE B 56 30.44 -8.87 3.24
C PHE B 56 30.98 -8.87 4.66
N SER B 57 32.12 -8.20 4.86
CA SER B 57 32.74 -8.07 6.19
C SER B 57 32.01 -7.04 7.10
N LYS B 58 32.58 -6.79 8.29
CA LYS B 58 32.06 -5.77 9.19
C LYS B 58 32.21 -4.38 8.64
N ASP B 59 33.29 -4.14 7.90
CA ASP B 59 33.49 -2.86 7.24
C ASP B 59 32.64 -2.74 5.98
N TRP B 60 31.57 -3.56 5.93
CA TRP B 60 30.53 -3.53 4.90
C TRP B 60 31.02 -3.73 3.49
N SER B 61 32.23 -4.23 3.33
CA SER B 61 32.78 -4.38 2.00
C SER B 61 32.53 -5.81 1.54
N PHE B 62 32.40 -5.98 0.25
CA PHE B 62 32.04 -7.25 -0.31
C PHE B 62 33.24 -8.14 -0.52
N TYR B 63 32.99 -9.44 -0.52
CA TYR B 63 33.97 -10.42 -0.95
C TYR B 63 33.25 -11.61 -1.55
N ILE B 64 33.99 -12.41 -2.31
CA ILE B 64 33.43 -13.55 -3.00
C ILE B 64 34.59 -14.46 -3.43
N LEU B 65 34.46 -15.77 -3.27
CA LEU B 65 35.51 -16.73 -3.67
C LEU B 65 35.14 -17.51 -4.92
N ALA B 66 35.92 -17.34 -5.99
CA ALA B 66 35.76 -18.22 -7.15
C ALA B 66 36.83 -19.27 -7.09
N HIS B 67 36.51 -20.44 -7.62
CA HIS B 67 37.51 -21.49 -7.80
C HIS B 67 37.19 -22.40 -8.98
N THR B 68 38.21 -23.10 -9.46
CA THR B 68 38.05 -24.10 -10.52
C THR B 68 39.14 -25.15 -10.40
N GLU B 69 38.89 -26.33 -10.93
CA GLU B 69 39.91 -27.40 -11.00
C GLU B 69 40.99 -27.02 -11.98
N PHE B 70 42.22 -27.40 -11.69
CA PHE B 70 43.29 -27.09 -12.59
C PHE B 70 44.43 -28.07 -12.35
N THR B 71 45.14 -28.38 -13.43
CA THR B 71 46.37 -29.13 -13.37
C THR B 71 47.49 -28.18 -13.77
N PRO B 72 48.34 -27.79 -12.80
CA PRO B 72 49.46 -26.89 -13.07
C PRO B 72 50.61 -27.55 -13.83
N THR B 73 51.14 -26.86 -14.84
CA THR B 73 52.26 -27.38 -15.65
C THR B 73 53.37 -26.34 -15.83
N GLU B 74 54.50 -26.78 -16.39
CA GLU B 74 55.61 -25.88 -16.63
C GLU B 74 55.15 -24.71 -17.50
N THR B 75 54.41 -25.01 -18.57
CA THR B 75 54.15 -24.04 -19.65
C THR B 75 52.73 -23.45 -19.68
N ASP B 76 52.01 -23.49 -18.55
CA ASP B 76 50.61 -23.01 -18.55
C ASP B 76 50.46 -21.88 -17.54
N THR B 77 49.90 -20.75 -17.99
CA THR B 77 49.63 -19.61 -17.09
C THR B 77 48.14 -19.51 -16.71
N TYR B 78 47.90 -19.27 -15.43
CA TYR B 78 46.55 -19.13 -14.88
C TYR B 78 46.34 -17.77 -14.20
N ALA B 79 45.23 -17.12 -14.53
CA ALA B 79 44.98 -15.77 -14.06
C ALA B 79 43.52 -15.58 -13.71
N CYS B 80 43.24 -14.47 -12.99
CA CYS B 80 41.89 -14.12 -12.57
C CYS B 80 41.62 -12.68 -12.99
N ARG B 81 40.70 -12.48 -13.93
CA ARG B 81 40.39 -11.16 -14.50
C ARG B 81 39.11 -10.62 -13.89
N VAL B 82 39.17 -9.39 -13.39
CA VAL B 82 38.07 -8.77 -12.65
C VAL B 82 37.60 -7.44 -13.26
N LYS B 83 36.32 -7.32 -13.64
CA LYS B 83 35.75 -6.04 -14.11
C LYS B 83 34.84 -5.38 -13.05
N HIS B 84 35.09 -4.10 -12.79
CA HIS B 84 34.37 -3.33 -11.78
C HIS B 84 34.31 -1.87 -12.18
N ALA B 85 33.15 -1.25 -11.94
CA ALA B 85 32.92 0.16 -12.29
C ALA B 85 34.02 1.09 -11.72
N SER B 86 34.58 0.69 -10.58
CA SER B 86 35.74 1.36 -9.99
C SER B 86 37.06 1.25 -10.78
N MET B 87 37.07 0.59 -11.94
CA MET B 87 38.30 0.49 -12.71
C MET B 87 38.06 0.81 -14.17
N ALA B 88 38.94 1.64 -14.72
CA ALA B 88 38.90 1.99 -16.13
C ALA B 88 38.98 0.72 -16.97
N GLU B 89 40.08 -0.03 -16.83
CA GLU B 89 40.29 -1.30 -17.54
C GLU B 89 40.26 -2.43 -16.49
N PRO B 90 40.07 -3.69 -16.92
CA PRO B 90 40.05 -4.82 -15.99
C PRO B 90 41.41 -5.21 -15.45
N LYS B 91 41.48 -5.51 -14.14
CA LYS B 91 42.71 -5.98 -13.51
C LYS B 91 42.84 -7.50 -13.56
N THR B 92 43.93 -7.93 -14.18
CA THR B 92 44.29 -9.32 -14.26
C THR B 92 45.39 -9.60 -13.25
N VAL B 93 45.22 -10.64 -12.44
CA VAL B 93 46.26 -11.08 -11.52
C VAL B 93 46.64 -12.50 -11.94
N TYR B 94 47.93 -12.71 -12.22
CA TYR B 94 48.41 -14.02 -12.62
C TYR B 94 48.80 -14.82 -11.38
N TRP B 95 48.56 -16.12 -11.48
CA TRP B 95 49.01 -17.07 -10.50
C TRP B 95 50.51 -17.12 -10.48
N ASP B 96 51.05 -17.44 -9.31
CA ASP B 96 52.46 -17.69 -9.16
C ASP B 96 52.66 -18.80 -8.13
N ARG B 97 53.38 -19.85 -8.51
CA ARG B 97 53.72 -20.97 -7.59
C ARG B 97 54.29 -20.56 -6.20
N THR C 3 -8.77 -7.73 -8.09
CA THR C 3 -9.83 -7.88 -7.04
C THR C 3 -9.28 -8.74 -5.89
N GLN C 4 -8.53 -8.06 -5.03
CA GLN C 4 -7.94 -8.71 -3.87
C GLN C 4 -8.76 -8.47 -2.64
N VAL C 5 -9.84 -7.72 -2.81
CA VAL C 5 -10.84 -7.48 -1.77
C VAL C 5 -12.23 -7.77 -2.38
N GLU C 6 -12.77 -8.95 -2.06
CA GLU C 6 -14.11 -9.40 -2.48
C GLU C 6 -15.14 -9.22 -1.32
N GLN C 7 -16.29 -8.61 -1.60
CA GLN C 7 -17.33 -8.39 -0.59
C GLN C 7 -18.57 -9.13 -0.98
N SER C 8 -19.41 -9.38 0.00
CA SER C 8 -20.58 -10.18 -0.24
C SER C 8 -21.60 -9.91 0.86
N PRO C 9 -22.89 -9.87 0.52
CA PRO C 9 -23.47 -9.96 -0.83
C PRO C 9 -23.28 -8.65 -1.61
N GLN C 10 -23.51 -8.65 -2.93
CA GLN C 10 -23.32 -7.44 -3.74
C GLN C 10 -24.37 -6.41 -3.34
N SER C 11 -25.54 -6.91 -2.91
CA SER C 11 -26.61 -6.07 -2.34
C SER C 11 -27.62 -6.92 -1.52
N LEU C 12 -28.42 -6.27 -0.69
CA LEU C 12 -29.35 -6.99 0.18
C LEU C 12 -30.43 -6.04 0.72
N VAL C 13 -31.66 -6.56 0.89
CA VAL C 13 -32.78 -5.76 1.36
C VAL C 13 -33.29 -6.28 2.68
N VAL C 14 -33.65 -5.40 3.60
CA VAL C 14 -34.04 -5.83 4.94
C VAL C 14 -35.06 -4.92 5.55
N ARG C 15 -36.01 -5.52 6.24
CA ARG C 15 -37.05 -4.77 6.92
C ARG C 15 -36.41 -4.14 8.14
N GLN C 16 -36.61 -2.84 8.29
CA GLN C 16 -36.20 -2.11 9.48
C GLN C 16 -36.45 -2.91 10.75
N GLY C 17 -35.50 -2.89 11.67
CA GLY C 17 -35.59 -3.70 12.88
C GLY C 17 -34.74 -4.94 12.80
N GLU C 18 -34.51 -5.43 11.59
CA GLU C 18 -33.82 -6.70 11.40
C GLU C 18 -32.33 -6.51 11.53
N ASN C 19 -31.66 -7.59 11.91
CA ASN C 19 -30.20 -7.67 11.90
C ASN C 19 -29.64 -8.13 10.56
N CYS C 20 -28.43 -7.70 10.21
CA CYS C 20 -27.77 -8.20 9.00
C CYS C 20 -26.25 -8.28 9.19
N VAL C 21 -25.58 -9.14 8.41
CA VAL C 21 -24.11 -9.25 8.47
C VAL C 21 -23.48 -9.05 7.09
N LEU C 22 -22.37 -8.33 7.00
CA LEU C 22 -21.70 -8.14 5.70
C LEU C 22 -20.36 -8.84 5.75
N GLN C 23 -19.94 -9.39 4.62
CA GLN C 23 -18.75 -10.23 4.59
CA GLN C 23 -18.76 -10.26 4.55
C GLN C 23 -17.71 -9.57 3.69
N CYS C 24 -16.46 -9.72 4.06
CA CYS C 24 -15.36 -9.21 3.24
C CYS C 24 -14.25 -10.22 3.23
N ASN C 25 -13.84 -10.63 2.04
CA ASN C 25 -12.73 -11.57 1.94
C ASN C 25 -11.65 -10.99 1.07
N TYR C 26 -10.40 -11.24 1.45
CA TYR C 26 -9.31 -10.61 0.78
C TYR C 26 -8.12 -11.51 0.61
N SER C 27 -7.33 -11.28 -0.43
CA SER C 27 -6.02 -11.95 -0.61
C SER C 27 -4.83 -11.00 -0.36
N VAL C 28 -5.09 -9.73 -0.05
CA VAL C 28 -4.03 -8.73 0.10
C VAL C 28 -2.91 -9.22 1.02
N THR C 29 -1.67 -8.85 0.69
CA THR C 29 -0.50 -9.19 1.51
C THR C 29 0.57 -8.08 1.59
N PRO C 30 1.01 -7.72 2.81
CA PRO C 30 0.40 -8.12 4.07
C PRO C 30 -0.86 -7.28 4.38
N ASP C 31 -1.50 -7.66 5.50
CA ASP C 31 -2.78 -7.13 5.95
C ASP C 31 -2.56 -6.53 7.29
N ASN C 32 -2.14 -5.27 7.32
CA ASN C 32 -1.93 -4.59 8.59
C ASN C 32 -3.25 -4.30 9.29
N HIS C 33 -4.21 -3.81 8.52
CA HIS C 33 -5.48 -3.42 9.09
C HIS C 33 -6.62 -3.42 8.07
N LEU C 34 -7.83 -3.70 8.55
CA LEU C 34 -9.05 -3.64 7.75
C LEU C 34 -9.98 -2.55 8.30
N ARG C 35 -10.55 -1.76 7.39
CA ARG C 35 -11.41 -0.67 7.76
C ARG C 35 -12.71 -0.80 7.03
N TRP C 36 -13.81 -0.65 7.77
CA TRP C 36 -15.14 -0.62 7.19
C TRP C 36 -15.66 0.83 7.05
N PHE C 37 -15.89 1.28 5.82
CA PHE C 37 -16.44 2.60 5.57
C PHE C 37 -17.92 2.46 5.30
N LYS C 38 -18.66 3.54 5.47
CA LYS C 38 -20.09 3.62 5.13
C LYS C 38 -20.25 4.79 4.21
N GLN C 39 -21.01 4.62 3.12
CA GLN C 39 -21.22 5.66 2.12
C GLN C 39 -22.70 5.82 1.69
N ASP C 40 -23.37 6.84 2.21
CA ASP C 40 -24.72 7.19 1.78
C ASP C 40 -24.73 7.52 0.31
N THR C 41 -25.80 7.14 -0.37
CA THR C 41 -26.00 7.47 -1.78
C THR C 41 -25.90 8.98 -1.93
N GLY C 42 -24.95 9.39 -2.76
CA GLY C 42 -24.66 10.79 -2.96
C GLY C 42 -23.56 11.40 -2.09
N LYS C 43 -23.25 10.80 -0.94
CA LYS C 43 -22.29 11.41 -0.02
C LYS C 43 -20.89 10.80 -0.17
N GLY C 44 -20.05 10.93 0.86
CA GLY C 44 -18.72 10.34 0.92
C GLY C 44 -18.52 9.39 2.08
N LEU C 45 -17.27 9.18 2.47
CA LEU C 45 -16.89 7.98 3.21
C LEU C 45 -16.75 8.21 4.69
N VAL C 46 -17.68 7.69 5.48
CA VAL C 46 -17.56 7.69 6.93
C VAL C 46 -16.98 6.38 7.50
N SER C 47 -15.87 6.50 8.23
CA SER C 47 -15.31 5.36 8.94
C SER C 47 -16.26 4.86 10.04
N LEU C 48 -16.40 3.54 10.15
CA LEU C 48 -17.18 2.93 11.23
C LEU C 48 -16.31 2.23 12.25
N THR C 49 -15.27 1.54 11.79
CA THR C 49 -14.35 0.83 12.66
C THR C 49 -13.15 0.41 11.87
N VAL C 50 -12.05 0.16 12.57
CA VAL C 50 -10.82 -0.36 12.00
C VAL C 50 -10.33 -1.46 12.93
N LEU C 51 -10.05 -2.64 12.36
CA LEU C 51 -9.62 -3.80 13.14
C LEU C 51 -8.15 -4.02 12.84
N VAL C 52 -7.35 -4.31 13.85
CA VAL C 52 -5.90 -4.39 13.64
C VAL C 52 -5.19 -5.67 14.08
N ASP C 53 -5.77 -6.43 14.99
CA ASP C 53 -5.16 -7.68 15.46
C ASP C 53 -5.53 -8.96 14.68
N GLN C 54 -4.79 -10.03 14.97
CA GLN C 54 -4.88 -11.30 14.22
C GLN C 54 -6.30 -11.85 14.24
N LYS C 55 -6.85 -11.99 15.44
CA LYS C 55 -8.26 -12.15 15.64
C LYS C 55 -8.64 -10.88 16.35
N ASP C 56 -9.64 -10.19 15.86
CA ASP C 56 -10.00 -8.90 16.41
C ASP C 56 -11.51 -8.76 16.36
N LYS C 57 -12.05 -8.10 17.39
CA LYS C 57 -13.47 -7.74 17.47
C LYS C 57 -13.57 -6.26 17.73
N THR C 58 -14.54 -5.58 17.15
CA THR C 58 -14.76 -4.16 17.44
C THR C 58 -16.25 -3.83 17.51
N SER C 59 -16.56 -2.65 18.06
CA SER C 59 -17.95 -2.17 18.05
C SER C 59 -18.06 -0.67 18.05
N ASN C 60 -19.06 -0.18 17.36
CA ASN C 60 -19.39 1.22 17.29
C ASN C 60 -20.90 1.29 17.30
N GLY C 61 -21.45 1.46 18.50
CA GLY C 61 -22.89 1.51 18.70
C GLY C 61 -23.57 0.26 18.26
N ARG C 62 -24.38 0.39 17.21
CA ARG C 62 -25.10 -0.75 16.64
C ARG C 62 -24.25 -1.54 15.64
N TYR C 63 -23.05 -1.06 15.31
CA TYR C 63 -22.14 -1.83 14.44
C TYR C 63 -21.13 -2.63 15.27
N SER C 64 -21.01 -3.93 15.01
CA SER C 64 -19.86 -4.71 15.49
C SER C 64 -19.16 -5.29 14.26
N ALA C 65 -17.96 -5.81 14.46
CA ALA C 65 -17.19 -6.40 13.36
C ALA C 65 -16.13 -7.33 13.88
N THR C 66 -15.78 -8.31 13.05
CA THR C 66 -14.66 -9.20 13.33
C THR C 66 -13.55 -9.08 12.28
N LEU C 67 -12.41 -9.63 12.60
CA LEU C 67 -11.36 -9.83 11.61
C LEU C 67 -10.59 -11.05 12.04
N ASP C 68 -10.47 -12.01 11.12
CA ASP C 68 -9.54 -13.13 11.28
C ASP C 68 -8.43 -13.11 10.21
N LYS C 69 -7.23 -12.73 10.61
CA LYS C 69 -6.18 -12.60 9.63
C LYS C 69 -5.69 -13.92 9.10
N ASP C 70 -5.62 -14.98 9.90
CA ASP C 70 -5.34 -16.33 9.35
C ASP C 70 -6.29 -16.71 8.19
N ALA C 71 -7.56 -16.36 8.33
CA ALA C 71 -8.56 -16.68 7.33
C ALA C 71 -8.73 -15.58 6.29
N LYS C 72 -8.17 -14.41 6.58
CA LYS C 72 -8.32 -13.25 5.72
C LYS C 72 -9.79 -12.98 5.48
N HIS C 73 -10.50 -12.75 6.57
CA HIS C 73 -11.95 -12.64 6.52
C HIS C 73 -12.46 -11.67 7.59
N SER C 74 -13.33 -10.75 7.21
CA SER C 74 -13.94 -9.84 8.19
C SER C 74 -15.43 -9.84 8.00
N THR C 75 -16.15 -9.63 9.09
CA THR C 75 -17.58 -9.38 9.02
C THR C 75 -18.00 -8.07 9.68
N LEU C 76 -19.23 -7.65 9.38
CA LEU C 76 -19.78 -6.42 9.90
C LEU C 76 -21.25 -6.70 10.20
N HIS C 77 -21.60 -6.67 11.49
CA HIS C 77 -22.92 -6.99 11.97
C HIS C 77 -23.52 -5.65 12.32
N ILE C 78 -24.69 -5.37 11.76
CA ILE C 78 -25.49 -4.22 12.14
C ILE C 78 -26.66 -4.73 12.95
N THR C 79 -26.72 -4.42 14.24
CA THR C 79 -27.89 -4.82 15.05
C THR C 79 -29.05 -3.84 14.83
N ALA C 80 -30.28 -4.37 14.80
CA ALA C 80 -31.49 -3.53 14.70
C ALA C 80 -31.36 -2.39 13.71
N THR C 81 -31.50 -2.67 12.42
CA THR C 81 -31.25 -1.67 11.40
C THR C 81 -32.30 -0.56 11.46
N LEU C 82 -31.85 0.65 11.11
CA LEU C 82 -32.67 1.83 10.90
C LEU C 82 -32.65 2.21 9.44
N LEU C 83 -33.64 3.00 9.04
CA LEU C 83 -33.71 3.55 7.70
C LEU C 83 -32.43 4.26 7.21
N ASP C 84 -31.73 5.00 8.08
CA ASP C 84 -30.46 5.70 7.72
C ASP C 84 -29.34 4.76 7.36
N ASP C 85 -29.47 3.48 7.70
CA ASP C 85 -28.48 2.49 7.28
C ASP C 85 -28.49 2.21 5.80
N THR C 86 -29.57 2.54 5.10
CA THR C 86 -29.58 2.43 3.65
C THR C 86 -28.37 3.17 3.08
N ALA C 87 -27.46 2.40 2.47
CA ALA C 87 -26.15 2.93 2.11
C ALA C 87 -25.28 1.84 1.46
N THR C 88 -24.07 2.22 1.03
CA THR C 88 -23.10 1.26 0.49
C THR C 88 -22.00 1.08 1.54
N TYR C 89 -21.59 -0.17 1.81
CA TYR C 89 -20.59 -0.48 2.85
C TYR C 89 -19.36 -1.04 2.19
N ILE C 90 -18.21 -0.49 2.54
CA ILE C 90 -17.00 -0.67 1.77
C ILE C 90 -15.89 -1.17 2.66
N CYS C 91 -15.24 -2.23 2.19
CA CYS C 91 -14.17 -2.88 2.89
C CYS C 91 -12.85 -2.35 2.39
N VAL C 92 -11.93 -2.04 3.29
CA VAL C 92 -10.64 -1.53 2.85
C VAL C 92 -9.51 -2.13 3.65
N VAL C 93 -8.48 -2.62 2.95
CA VAL C 93 -7.35 -3.31 3.59
C VAL C 93 -6.05 -2.54 3.34
N GLY C 94 -5.40 -2.14 4.43
CA GLY C 94 -4.15 -1.41 4.38
C GLY C 94 -3.02 -2.38 4.58
N ASP C 95 -1.99 -2.26 3.74
CA ASP C 95 -0.93 -3.25 3.71
C ASP C 95 0.33 -2.86 4.53
N ARG C 96 0.28 -1.69 5.15
CA ARG C 96 1.29 -1.25 6.10
C ARG C 96 0.68 -0.50 7.28
N GLY C 97 1.40 -0.50 8.39
CA GLY C 97 1.10 0.39 9.52
C GLY C 97 1.79 1.75 9.47
N SER C 98 2.01 2.26 8.25
CA SER C 98 2.64 3.55 8.05
C SER C 98 2.07 4.18 6.79
N ALA C 99 2.56 5.38 6.43
CA ALA C 99 2.14 6.04 5.20
C ALA C 99 2.70 5.40 3.94
N LEU C 100 3.57 4.38 4.09
CA LEU C 100 4.13 3.61 2.97
C LEU C 100 3.13 2.67 2.29
N GLY C 101 2.00 2.47 2.96
CA GLY C 101 0.99 1.52 2.54
C GLY C 101 0.07 2.02 1.46
N ARG C 102 -0.48 1.07 0.73
CA ARG C 102 -1.50 1.30 -0.24
C ARG C 102 -2.75 0.67 0.37
N LEU C 103 -3.90 1.30 0.13
CA LEU C 103 -5.21 0.78 0.55
C LEU C 103 -5.80 0.10 -0.65
N HIS C 104 -6.51 -1.00 -0.38
CA HIS C 104 -7.14 -1.83 -1.41
C HIS C 104 -8.62 -1.91 -1.09
N PHE C 105 -9.43 -1.42 -2.02
CA PHE C 105 -10.86 -1.19 -1.77
C PHE C 105 -11.74 -2.27 -2.37
N GLY C 106 -12.55 -2.89 -1.54
CA GLY C 106 -13.71 -3.63 -2.02
C GLY C 106 -14.64 -2.72 -2.80
N ALA C 107 -15.62 -3.31 -3.49
CA ALA C 107 -16.60 -2.52 -4.25
C ALA C 107 -17.86 -2.33 -3.45
N GLY C 108 -17.79 -2.65 -2.18
CA GLY C 108 -18.91 -2.45 -1.30
C GLY C 108 -20.07 -3.38 -1.47
N THR C 109 -20.96 -3.31 -0.50
CA THR C 109 -22.19 -4.10 -0.42
C THR C 109 -23.30 -3.05 -0.31
N GLN C 110 -24.29 -3.04 -1.22
CA GLN C 110 -25.39 -2.02 -1.18
C GLN C 110 -26.56 -2.44 -0.24
N LEU C 111 -26.67 -1.84 0.93
CA LEU C 111 -27.76 -2.14 1.80
C LEU C 111 -28.94 -1.23 1.49
N ILE C 112 -30.12 -1.82 1.61
CA ILE C 112 -31.38 -1.10 1.54
C ILE C 112 -32.23 -1.57 2.69
N VAL C 113 -32.65 -0.63 3.54
CA VAL C 113 -33.52 -0.97 4.66
C VAL C 113 -34.92 -0.49 4.37
N ILE C 114 -35.88 -1.41 4.38
CA ILE C 114 -37.30 -1.08 4.24
C ILE C 114 -37.83 -0.43 5.52
N PRO C 115 -38.48 0.73 5.40
CA PRO C 115 -39.01 1.40 6.59
C PRO C 115 -40.34 0.83 7.11
N ASP C 116 -40.40 0.68 8.42
CA ASP C 116 -41.60 0.26 9.14
C ASP C 116 -42.60 1.42 9.25
N ILE C 117 -43.73 1.31 8.55
CA ILE C 117 -44.83 2.25 8.68
C ILE C 117 -45.87 1.70 9.66
N GLN C 118 -45.68 1.98 10.94
CA GLN C 118 -46.57 1.48 12.00
C GLN C 118 -48.07 1.81 11.78
N ASN C 119 -48.40 2.99 11.24
CA ASN C 119 -49.82 3.45 11.13
C ASN C 119 -50.27 4.11 9.81
N PRO C 120 -50.50 3.30 8.76
CA PRO C 120 -50.80 3.83 7.44
C PRO C 120 -52.16 4.55 7.34
N ASP C 121 -52.28 5.44 6.35
CA ASP C 121 -53.44 6.29 6.18
C ASP C 121 -53.43 6.82 4.74
N PRO C 122 -53.38 5.89 3.75
CA PRO C 122 -53.17 6.26 2.34
C PRO C 122 -54.22 7.23 1.80
N ALA C 123 -53.72 8.24 1.07
CA ALA C 123 -54.52 9.30 0.53
C ALA C 123 -53.86 9.83 -0.75
N VAL C 124 -54.68 10.43 -1.62
CA VAL C 124 -54.18 11.19 -2.78
C VAL C 124 -54.71 12.62 -2.76
N TYR C 125 -53.82 13.56 -2.43
CA TYR C 125 -54.19 14.98 -2.36
C TYR C 125 -53.67 15.77 -3.57
N GLN C 126 -54.25 16.95 -3.77
CA GLN C 126 -53.88 17.84 -4.86
C GLN C 126 -53.28 19.14 -4.32
N LEU C 127 -52.03 19.40 -4.68
CA LEU C 127 -51.32 20.59 -4.23
C LEU C 127 -51.28 21.63 -5.36
N ARG C 128 -51.18 22.90 -4.99
CA ARG C 128 -51.42 23.99 -5.89
C ARG C 128 -50.14 24.81 -6.02
N ASP C 129 -49.75 25.18 -7.24
CA ASP C 129 -48.53 25.98 -7.46
C ASP C 129 -48.65 27.38 -6.87
N SER C 130 -47.68 27.76 -6.05
CA SER C 130 -47.65 29.09 -5.42
C SER C 130 -47.83 30.28 -6.39
N LYS C 131 -47.02 30.33 -7.44
CA LYS C 131 -47.09 31.41 -8.44
C LYS C 131 -48.30 31.32 -9.41
N SER C 132 -48.83 30.12 -9.67
CA SER C 132 -49.84 29.95 -10.74
C SER C 132 -50.91 28.89 -10.41
N SER C 133 -52.07 29.34 -9.93
CA SER C 133 -53.19 28.45 -9.55
C SER C 133 -53.74 27.56 -10.68
N ASP C 134 -53.30 27.81 -11.91
CA ASP C 134 -53.67 26.99 -13.07
C ASP C 134 -53.05 25.58 -12.98
N LYS C 135 -51.86 25.50 -12.38
CA LYS C 135 -51.08 24.27 -12.34
C LYS C 135 -51.11 23.62 -10.97
N SER C 136 -50.72 22.34 -10.93
CA SER C 136 -50.91 21.51 -9.75
C SER C 136 -50.18 20.16 -9.83
N VAL C 137 -50.16 19.44 -8.71
CA VAL C 137 -49.61 18.08 -8.65
C VAL C 137 -50.48 17.18 -7.78
N CYS C 138 -50.30 15.87 -7.90
CA CYS C 138 -51.06 14.93 -7.10
C CYS C 138 -50.12 14.12 -6.25
N LEU C 139 -50.27 14.21 -4.94
CA LEU C 139 -49.41 13.55 -3.97
C LEU C 139 -50.10 12.34 -3.36
N PHE C 140 -49.63 11.15 -3.70
CA PHE C 140 -50.14 9.90 -3.16
C PHE C 140 -49.31 9.56 -1.95
N THR C 141 -49.92 9.51 -0.76
CA THR C 141 -49.11 9.52 0.47
C THR C 141 -49.63 8.57 1.56
N ASP C 142 -48.74 8.27 2.52
CA ASP C 142 -49.08 7.51 3.73
C ASP C 142 -49.51 6.05 3.47
N PHE C 143 -49.04 5.48 2.39
CA PHE C 143 -49.26 4.06 2.12
C PHE C 143 -48.14 3.29 2.83
N ASP C 144 -48.32 2.00 3.06
CA ASP C 144 -47.27 1.22 3.75
C ASP C 144 -46.26 0.65 2.75
N SER C 145 -45.18 0.07 3.25
CA SER C 145 -44.05 -0.33 2.40
C SER C 145 -44.43 -1.36 1.32
N GLN C 146 -45.40 -2.21 1.60
CA GLN C 146 -45.84 -3.21 0.61
C GLN C 146 -46.83 -2.63 -0.44
N THR C 147 -46.76 -1.33 -0.74
CA THR C 147 -47.36 -0.79 -1.95
C THR C 147 -46.22 -0.34 -2.89
N ASN C 148 -46.14 -0.91 -4.08
CA ASN C 148 -45.22 -0.42 -5.12
C ASN C 148 -45.99 0.59 -5.96
N VAL C 149 -45.26 1.50 -6.62
CA VAL C 149 -45.87 2.53 -7.44
C VAL C 149 -45.47 2.42 -8.92
N SER C 150 -46.46 2.14 -9.75
CA SER C 150 -46.24 1.88 -11.16
C SER C 150 -46.22 3.18 -11.94
N GLN C 151 -45.33 3.24 -12.92
CA GLN C 151 -45.08 4.46 -13.70
C GLN C 151 -46.25 4.75 -14.65
N SER C 152 -46.20 5.89 -15.33
CA SER C 152 -47.37 6.38 -16.08
C SER C 152 -47.76 5.51 -17.28
N LYS C 153 -49.06 5.45 -17.56
CA LYS C 153 -49.56 4.85 -18.80
C LYS C 153 -49.21 5.78 -19.96
N ASP C 154 -49.71 7.02 -19.93
CA ASP C 154 -49.39 8.02 -20.95
C ASP C 154 -47.96 8.55 -20.75
N SER C 155 -47.30 8.91 -21.85
CA SER C 155 -45.96 9.53 -21.81
C SER C 155 -46.05 10.95 -21.26
N ASP C 156 -47.21 11.56 -21.48
CA ASP C 156 -47.57 12.90 -20.97
C ASP C 156 -47.67 13.02 -19.45
N VAL C 157 -47.86 11.89 -18.77
CA VAL C 157 -48.00 11.90 -17.32
C VAL C 157 -46.70 11.43 -16.67
N TYR C 158 -46.38 12.01 -15.53
CA TYR C 158 -45.16 11.67 -14.82
C TYR C 158 -45.51 11.27 -13.42
N ILE C 159 -45.01 10.12 -13.01
CA ILE C 159 -45.18 9.64 -11.66
C ILE C 159 -43.81 9.23 -11.19
N THR C 160 -43.42 9.76 -10.03
CA THR C 160 -42.11 9.49 -9.47
C THR C 160 -42.30 8.29 -8.59
N ASP C 161 -41.25 7.90 -7.86
CA ASP C 161 -41.28 6.68 -7.10
C ASP C 161 -41.42 6.93 -5.60
N LYS C 162 -41.86 5.87 -4.89
CA LYS C 162 -41.98 5.86 -3.43
C LYS C 162 -40.74 6.49 -2.81
N CYS C 163 -40.89 7.08 -1.64
CA CYS C 163 -39.90 7.98 -1.09
C CYS C 163 -40.21 8.22 0.39
N VAL C 164 -39.42 7.64 1.28
CA VAL C 164 -39.70 7.84 2.71
C VAL C 164 -38.98 9.07 3.35
N LEU C 165 -39.75 9.86 4.09
CA LEU C 165 -39.26 11.01 4.86
C LEU C 165 -39.42 10.73 6.36
N ASP C 166 -38.55 11.31 7.17
CA ASP C 166 -38.48 10.99 8.59
C ASP C 166 -38.55 12.28 9.36
N MET C 167 -39.75 12.60 9.83
CA MET C 167 -39.96 13.73 10.75
C MET C 167 -39.41 13.28 12.10
N ARG C 168 -38.13 13.59 12.31
CA ARG C 168 -37.43 13.21 13.52
C ARG C 168 -38.07 13.91 14.71
N SER C 169 -38.42 15.19 14.54
CA SER C 169 -39.25 15.92 15.51
C SER C 169 -40.30 15.02 16.16
N MET C 170 -41.09 14.33 15.33
CA MET C 170 -42.21 13.50 15.78
C MET C 170 -42.06 11.97 15.54
N ASP C 171 -40.84 11.46 15.46
CA ASP C 171 -40.60 10.02 15.32
C ASP C 171 -41.46 9.31 14.24
N PHE C 172 -41.80 10.04 13.19
CA PHE C 172 -42.83 9.64 12.26
C PHE C 172 -42.29 9.53 10.85
N LYS C 173 -42.53 8.41 10.18
CA LYS C 173 -42.13 8.26 8.77
C LYS C 173 -43.34 8.21 7.84
N SER C 174 -43.13 8.46 6.55
CA SER C 174 -44.17 8.30 5.55
C SER C 174 -43.60 8.22 4.13
N ASN C 175 -44.02 7.19 3.38
CA ASN C 175 -43.76 7.10 1.94
C ASN C 175 -44.67 8.09 1.24
N SER C 176 -44.25 8.55 0.08
CA SER C 176 -45.04 9.45 -0.75
C SER C 176 -44.63 9.24 -2.21
N ALA C 177 -45.48 9.61 -3.15
CA ALA C 177 -45.05 9.71 -4.54
C ALA C 177 -45.87 10.77 -5.25
N VAL C 178 -45.28 11.36 -6.29
CA VAL C 178 -45.85 12.55 -6.87
C VAL C 178 -46.21 12.28 -8.30
N ALA C 179 -47.27 12.91 -8.77
CA ALA C 179 -47.69 12.78 -10.17
C ALA C 179 -48.18 14.11 -10.71
N TRP C 180 -47.99 14.33 -12.01
CA TRP C 180 -48.45 15.55 -12.67
C TRP C 180 -48.53 15.34 -14.16
N SER C 181 -49.10 16.33 -14.86
CA SER C 181 -49.28 16.29 -16.33
C SER C 181 -50.14 17.43 -16.85
N ASN C 182 -49.99 17.72 -18.13
CA ASN C 182 -50.92 18.59 -18.89
C ASN C 182 -51.62 17.76 -19.96
N LYS C 183 -52.90 17.47 -19.78
CA LYS C 183 -53.61 16.60 -20.72
C LYS C 183 -55.12 16.69 -20.56
N ASP C 185 -57.97 17.23 -19.13
CA ASP C 185 -58.31 15.80 -19.05
C ASP C 185 -57.28 14.98 -18.23
N PHE C 186 -56.77 15.57 -17.14
CA PHE C 186 -55.94 14.86 -16.14
C PHE C 186 -56.35 15.25 -14.71
N ALA C 187 -56.46 14.27 -13.81
CA ALA C 187 -56.82 14.53 -12.42
C ALA C 187 -56.35 13.45 -11.46
N CYS C 188 -56.34 13.79 -10.18
CA CYS C 188 -55.74 12.95 -9.14
C CYS C 188 -56.50 11.64 -8.86
N ALA C 189 -57.80 11.61 -9.14
CA ALA C 189 -58.51 10.34 -9.12
C ALA C 189 -57.87 9.41 -10.15
N ASN C 190 -57.62 9.94 -11.35
CA ASN C 190 -57.05 9.18 -12.49
C ASN C 190 -55.54 8.95 -12.45
N ALA C 191 -54.82 9.83 -11.75
CA ALA C 191 -53.37 9.84 -11.76
C ALA C 191 -52.71 8.50 -11.48
N PHE C 192 -53.16 7.82 -10.43
CA PHE C 192 -52.52 6.58 -10.01
C PHE C 192 -53.31 5.33 -10.41
N ASN C 193 -54.24 5.47 -11.35
CA ASN C 193 -55.05 4.33 -11.76
C ASN C 193 -54.21 3.12 -12.12
N ASN C 194 -53.29 3.28 -13.08
CA ASN C 194 -52.40 2.17 -13.50
C ASN C 194 -51.36 1.70 -12.42
N SER C 195 -51.61 2.08 -11.16
CA SER C 195 -50.84 1.59 -10.01
C SER C 195 -51.82 0.86 -9.09
N ILE C 196 -51.32 -0.14 -8.39
CA ILE C 196 -52.15 -1.00 -7.54
C ILE C 196 -52.19 -0.46 -6.09
N ILE C 197 -53.14 0.45 -5.85
CA ILE C 197 -53.22 1.16 -4.58
C ILE C 197 -54.30 0.57 -3.68
N PRO C 198 -54.07 0.55 -2.35
CA PRO C 198 -55.04 0.08 -1.35
C PRO C 198 -56.50 0.51 -1.58
N GLU C 199 -57.44 -0.37 -1.24
CA GLU C 199 -58.88 -0.11 -1.44
C GLU C 199 -59.47 0.94 -0.46
N ASP C 200 -58.76 1.25 0.62
CA ASP C 200 -59.24 2.24 1.59
C ASP C 200 -58.57 3.62 1.45
N THR C 201 -58.25 4.04 0.23
CA THR C 201 -57.52 5.29 0.01
C THR C 201 -58.46 6.49 0.07
N PHE C 202 -58.06 7.52 0.82
CA PHE C 202 -58.80 8.78 0.88
C PHE C 202 -58.61 9.57 -0.41
N PHE C 203 -59.73 9.95 -1.04
CA PHE C 203 -59.72 10.82 -2.20
C PHE C 203 -60.69 11.96 -1.92
N PRO C 204 -60.19 13.15 -1.54
CA PRO C 204 -61.07 14.29 -1.24
C PRO C 204 -61.86 14.81 -2.44
N SER C 205 -62.54 15.95 -2.29
CA SER C 205 -63.29 16.60 -3.39
C SER C 205 -62.43 16.86 -4.62
N ALA D 3 -9.29 16.63 11.81
CA ALA D 3 -8.44 16.61 10.57
C ALA D 3 -9.32 16.66 9.29
N ALA D 4 -9.48 17.85 8.71
CA ALA D 4 -10.35 18.10 7.54
C ALA D 4 -9.64 18.15 6.16
N VAL D 5 -10.44 17.97 5.11
CA VAL D 5 -9.99 18.00 3.72
C VAL D 5 -11.11 18.50 2.79
N THR D 6 -10.82 19.48 1.96
CA THR D 6 -11.82 20.04 1.05
C THR D 6 -11.49 19.81 -0.40
N GLN D 7 -12.53 19.83 -1.23
CA GLN D 7 -12.42 19.59 -2.65
C GLN D 7 -13.25 20.62 -3.39
N SER D 8 -12.67 21.25 -4.40
CA SER D 8 -13.45 22.11 -5.27
C SER D 8 -13.06 21.82 -6.72
N PRO D 9 -14.03 21.93 -7.64
CA PRO D 9 -15.45 22.09 -7.35
C PRO D 9 -15.97 20.80 -6.77
N ARG D 10 -17.21 20.81 -6.34
CA ARG D 10 -17.80 19.59 -5.87
C ARG D 10 -18.59 18.89 -6.95
N ASN D 11 -18.76 19.54 -8.09
CA ASN D 11 -19.54 19.02 -9.17
C ASN D 11 -19.29 19.81 -10.45
N LYS D 12 -18.96 19.13 -11.56
CA LYS D 12 -18.63 19.79 -12.82
C LYS D 12 -19.16 19.04 -14.05
N VAL D 13 -19.94 19.73 -14.88
CA VAL D 13 -20.21 19.29 -16.25
C VAL D 13 -19.15 19.92 -17.15
N ALA D 14 -18.61 19.14 -18.07
CA ALA D 14 -17.46 19.48 -18.91
C ALA D 14 -17.60 18.81 -20.26
N VAL D 15 -16.86 19.31 -21.23
CA VAL D 15 -16.93 18.80 -22.61
C VAL D 15 -15.63 18.13 -23.01
N THR D 16 -15.69 17.13 -23.89
CA THR D 16 -14.45 16.50 -24.40
C THR D 16 -13.46 17.53 -24.92
N GLY D 17 -12.21 17.44 -24.48
CA GLY D 17 -11.15 18.30 -25.00
C GLY D 17 -10.83 19.45 -24.07
N GLY D 18 -11.82 19.85 -23.28
CA GLY D 18 -11.65 20.86 -22.25
C GLY D 18 -10.61 20.49 -21.20
N LYS D 19 -10.04 21.52 -20.59
CA LYS D 19 -9.14 21.32 -19.49
C LYS D 19 -10.06 21.27 -18.30
N VAL D 20 -9.81 20.33 -17.40
CA VAL D 20 -10.51 20.30 -16.13
C VAL D 20 -9.52 20.14 -15.00
N THR D 21 -9.77 20.91 -13.94
CA THR D 21 -8.86 20.96 -12.83
C THR D 21 -9.66 20.76 -11.53
N LEU D 22 -9.28 19.71 -10.81
CA LEU D 22 -9.88 19.39 -9.53
C LEU D 22 -8.88 19.66 -8.42
N SER D 23 -9.29 20.49 -7.47
CA SER D 23 -8.41 21.00 -6.45
C SER D 23 -8.79 20.37 -5.14
N CYS D 24 -7.79 20.09 -4.34
CA CYS D 24 -7.98 19.60 -3.00
C CYS D 24 -7.13 20.45 -2.10
N ASN D 25 -7.64 20.74 -0.92
CA ASN D 25 -7.00 21.61 0.04
C ASN D 25 -7.14 21.07 1.47
N GLN D 26 -6.03 21.10 2.23
CA GLN D 26 -6.00 20.59 3.62
C GLN D 26 -5.07 21.41 4.52
N THR D 27 -5.52 21.70 5.74
CA THR D 27 -4.80 22.59 6.68
C THR D 27 -3.99 21.82 7.75
N ASN D 28 -4.05 20.48 7.70
CA ASN D 28 -3.54 19.63 8.77
C ASN D 28 -2.05 19.49 8.72
N ASN D 29 -1.44 20.21 7.78
CA ASN D 29 -0.01 20.11 7.58
C ASN D 29 0.42 18.68 7.23
N HIS D 30 -0.45 17.94 6.56
CA HIS D 30 -0.14 16.57 6.22
C HIS D 30 0.81 16.50 5.04
N ASN D 31 2.00 15.96 5.25
CA ASN D 31 2.93 15.73 4.13
C ASN D 31 2.30 15.07 2.88
N ASN D 32 1.42 14.09 3.07
CA ASN D 32 1.06 13.19 1.99
C ASN D 32 -0.35 13.34 1.49
N MET D 33 -0.55 13.35 0.18
CA MET D 33 -1.89 13.53 -0.37
C MET D 33 -2.17 12.60 -1.56
N TYR D 34 -3.43 12.19 -1.74
CA TYR D 34 -3.76 11.13 -2.67
C TYR D 34 -5.00 11.51 -3.43
N TRP D 35 -5.08 11.04 -4.69
CA TRP D 35 -6.29 11.20 -5.51
C TRP D 35 -6.76 9.87 -6.02
N TYR D 36 -8.03 9.58 -5.74
CA TYR D 36 -8.71 8.40 -6.22
C TYR D 36 -9.89 8.76 -7.13
N ARG D 37 -10.42 7.77 -7.83
CA ARG D 37 -11.70 7.90 -8.55
C ARG D 37 -12.51 6.65 -8.28
N GLN D 38 -13.80 6.86 -7.99
CA GLN D 38 -14.76 5.79 -7.67
C GLN D 38 -15.72 5.58 -8.84
N ASP D 39 -15.78 4.34 -9.31
CA ASP D 39 -16.64 3.96 -10.42
C ASP D 39 -17.39 2.66 -10.08
N THR D 40 -18.71 2.75 -10.18
CA THR D 40 -19.61 1.62 -9.92
C THR D 40 -18.99 0.25 -10.27
N GLY D 41 -19.07 -0.66 -9.31
CA GLY D 41 -18.48 -1.97 -9.47
C GLY D 41 -16.97 -1.99 -9.44
N HIS D 42 -16.34 -0.94 -8.92
CA HIS D 42 -14.94 -1.08 -8.51
C HIS D 42 -14.81 -0.37 -7.19
N GLY D 43 -13.75 -0.67 -6.47
CA GLY D 43 -13.37 0.17 -5.36
C GLY D 43 -12.83 1.51 -5.86
N LEU D 44 -12.33 2.30 -4.92
CA LEU D 44 -11.52 3.44 -5.27
C LEU D 44 -10.18 2.96 -5.81
N ARG D 45 -9.72 3.57 -6.88
CA ARG D 45 -8.39 3.29 -7.43
C ARG D 45 -7.57 4.57 -7.40
N LEU D 46 -6.34 4.44 -6.97
CA LEU D 46 -5.43 5.57 -6.80
C LEU D 46 -4.91 6.08 -8.15
N ILE D 47 -4.92 7.39 -8.37
CA ILE D 47 -4.44 7.94 -9.63
C ILE D 47 -3.02 8.52 -9.49
N HIS D 48 -2.93 9.57 -8.67
CA HIS D 48 -1.66 10.21 -8.38
C HIS D 48 -1.63 10.38 -6.90
N TYR D 49 -0.43 10.48 -6.35
CA TYR D 49 -0.27 10.86 -4.96
C TYR D 49 0.96 11.77 -4.78
N SER D 50 1.09 12.38 -3.60
CA SER D 50 2.20 13.26 -3.31
C SER D 50 2.72 13.01 -1.92
N TYR D 51 4.05 13.07 -1.77
CA TYR D 51 4.68 12.89 -0.46
C TYR D 51 5.05 14.22 0.20
N GLY D 52 5.16 15.27 -0.61
CA GLY D 52 5.20 16.63 -0.11
C GLY D 52 5.17 17.66 -1.22
N ALA D 53 5.22 18.93 -0.85
CA ALA D 53 5.41 19.99 -1.82
C ALA D 53 6.44 19.57 -2.87
N GLY D 54 6.14 19.81 -4.14
CA GLY D 54 7.08 19.54 -5.23
C GLY D 54 7.00 18.15 -5.82
N SER D 55 6.43 17.19 -5.10
CA SER D 55 6.34 15.84 -5.62
C SER D 55 4.93 15.51 -6.08
N THR D 56 4.91 14.53 -6.96
CA THR D 56 3.72 13.90 -7.45
C THR D 56 4.21 12.53 -7.92
N GLU D 57 3.47 11.47 -7.61
CA GLU D 57 3.86 10.16 -8.01
C GLU D 57 2.75 9.54 -8.78
N LYS D 58 3.10 8.70 -9.75
CA LYS D 58 2.12 7.97 -10.50
C LYS D 58 1.52 6.94 -9.59
N GLY D 59 0.21 6.79 -9.66
CA GLY D 59 -0.53 5.80 -8.87
C GLY D 59 -0.86 4.61 -9.74
N ASP D 60 -2.01 4.01 -9.50
CA ASP D 60 -2.38 2.76 -10.19
C ASP D 60 -3.03 2.95 -11.56
N ILE D 61 -3.71 4.07 -11.80
CA ILE D 61 -4.35 4.34 -13.09
C ILE D 61 -4.14 5.80 -13.54
N PRO D 62 -2.86 6.21 -13.66
CA PRO D 62 -2.49 7.63 -13.89
C PRO D 62 -2.83 8.20 -15.25
N ASP D 63 -3.00 7.34 -16.25
CA ASP D 63 -3.26 7.82 -17.61
C ASP D 63 -4.43 8.81 -17.77
N GLY D 64 -4.15 9.92 -18.43
CA GLY D 64 -5.13 10.94 -18.68
C GLY D 64 -5.09 12.02 -17.61
N TYR D 65 -4.38 11.75 -16.51
CA TYR D 65 -4.27 12.68 -15.40
C TYR D 65 -2.84 13.14 -15.09
N LYS D 66 -2.69 14.43 -14.89
CA LYS D 66 -1.44 15.01 -14.45
C LYS D 66 -1.74 15.54 -13.07
N ALA D 67 -0.76 15.55 -12.17
CA ALA D 67 -1.00 16.00 -10.82
C ALA D 67 -0.04 17.10 -10.44
N SER D 68 -0.44 17.94 -9.50
CA SER D 68 0.31 19.14 -9.16
C SER D 68 0.21 19.45 -7.67
N ARG D 69 1.33 19.36 -6.98
CA ARG D 69 1.43 19.77 -5.62
C ARG D 69 2.29 21.03 -5.65
N PRO D 70 1.64 22.21 -5.71
CA PRO D 70 2.36 23.48 -5.54
C PRO D 70 2.73 23.80 -4.09
N SER D 71 2.05 23.18 -3.13
CA SER D 71 2.24 23.52 -1.71
C SER D 71 1.76 22.40 -0.80
N GLN D 72 2.17 22.46 0.47
CA GLN D 72 1.70 21.51 1.46
C GLN D 72 0.20 21.49 1.48
N GLU D 73 -0.43 22.65 1.27
CA GLU D 73 -1.89 22.77 1.40
C GLU D 73 -2.69 22.16 0.21
N ASN D 74 -2.21 22.37 -1.01
N ASN D 74 -2.21 22.37 -1.01
CA ASN D 74 -2.96 22.02 -2.23
CA ASN D 74 -2.95 22.02 -2.23
C ASN D 74 -2.39 20.84 -2.99
C ASN D 74 -2.39 20.84 -2.98
N PHE D 75 -3.26 19.89 -3.31
CA PHE D 75 -2.97 18.82 -4.25
C PHE D 75 -4.09 18.94 -5.27
N SER D 76 -3.72 19.23 -6.51
CA SER D 76 -4.68 19.39 -7.58
C SER D 76 -4.52 18.30 -8.65
N LEU D 77 -5.65 17.78 -9.12
CA LEU D 77 -5.66 16.84 -10.21
C LEU D 77 -6.10 17.56 -11.45
N ILE D 78 -5.34 17.39 -12.53
CA ILE D 78 -5.57 18.09 -13.81
C ILE D 78 -5.83 17.14 -14.97
N LEU D 79 -6.88 17.42 -15.72
CA LEU D 79 -7.21 16.66 -16.92
C LEU D 79 -7.05 17.60 -18.12
N GLU D 80 -5.94 17.48 -18.88
CA GLU D 80 -5.65 18.43 -19.96
C GLU D 80 -6.69 18.26 -21.07
N LEU D 81 -6.91 17.00 -21.46
CA LEU D 81 -7.95 16.65 -22.43
C LEU D 81 -8.99 15.71 -21.80
N ALA D 82 -10.12 16.29 -21.39
CA ALA D 82 -11.18 15.51 -20.75
C ALA D 82 -11.74 14.46 -21.70
N THR D 83 -12.46 13.51 -21.15
CA THR D 83 -12.94 12.37 -21.91
C THR D 83 -14.14 11.76 -21.26
N PRO D 84 -15.12 11.30 -22.05
CA PRO D 84 -16.24 10.62 -21.43
C PRO D 84 -15.85 9.54 -20.38
N SER D 85 -14.80 8.78 -20.65
CA SER D 85 -14.31 7.77 -19.71
C SER D 85 -13.83 8.33 -18.37
N GLN D 86 -13.69 9.65 -18.28
CA GLN D 86 -13.24 10.33 -17.04
C GLN D 86 -14.41 10.81 -16.20
N THR D 87 -15.61 10.71 -16.74
CA THR D 87 -16.79 10.78 -15.93
C THR D 87 -16.63 9.81 -14.74
N SER D 88 -16.62 10.35 -13.53
CA SER D 88 -16.42 9.53 -12.34
C SER D 88 -16.75 10.35 -11.08
N VAL D 89 -16.49 9.81 -9.90
CA VAL D 89 -16.62 10.60 -8.66
C VAL D 89 -15.24 10.58 -8.03
N TYR D 90 -14.62 11.76 -7.90
CA TYR D 90 -13.20 11.82 -7.56
C TYR D 90 -13.01 12.16 -6.10
N PHE D 91 -12.05 11.50 -5.46
CA PHE D 91 -11.86 11.63 -4.03
C PHE D 91 -10.42 11.93 -3.69
N CYS D 92 -10.22 12.95 -2.87
CA CYS D 92 -8.91 13.38 -2.45
C CYS D 92 -8.69 12.96 -1.03
N ALA D 93 -7.46 12.62 -0.68
CA ALA D 93 -7.16 12.31 0.72
C ALA D 93 -5.80 12.85 1.14
N SER D 94 -5.64 13.06 2.45
CA SER D 94 -4.36 13.40 3.03
C SER D 94 -4.12 12.56 4.28
N GLY D 95 -2.85 12.47 4.68
CA GLY D 95 -2.47 11.80 5.91
C GLY D 95 -1.05 12.20 6.26
N ASP D 96 -0.65 11.95 7.50
CA ASP D 96 0.72 12.16 7.89
C ASP D 96 1.44 10.83 7.72
N GLU D 97 2.45 10.56 8.55
CA GLU D 97 3.28 9.42 8.38
C GLU D 97 2.63 8.07 8.76
N GLY D 98 1.47 8.11 9.41
CA GLY D 98 0.79 6.89 9.85
C GLY D 98 -0.13 6.37 8.78
N TYR D 99 -1.02 5.43 9.10
CA TYR D 99 -1.80 4.78 8.01
C TYR D 99 -3.16 5.38 7.63
N THR D 100 -3.76 6.17 8.51
CA THR D 100 -5.08 6.72 8.25
C THR D 100 -5.02 7.76 7.19
N GLN D 101 -5.96 7.70 6.24
CA GLN D 101 -6.10 8.72 5.23
C GLN D 101 -7.45 9.36 5.44
N TYR D 102 -7.45 10.67 5.51
CA TYR D 102 -8.64 11.42 5.84
C TYR D 102 -9.24 11.84 4.51
N PHE D 103 -10.46 11.37 4.21
CA PHE D 103 -11.03 11.55 2.87
C PHE D 103 -11.81 12.82 2.73
N GLY D 104 -11.82 13.37 1.52
CA GLY D 104 -12.66 14.52 1.22
C GLY D 104 -14.10 14.15 0.88
N PRO D 105 -14.96 15.15 0.68
CA PRO D 105 -16.36 14.88 0.37
C PRO D 105 -16.61 14.30 -1.02
N GLY D 106 -15.60 14.29 -1.89
CA GLY D 106 -15.78 13.84 -3.25
C GLY D 106 -16.29 14.92 -4.18
N THR D 107 -15.91 14.83 -5.44
CA THR D 107 -16.30 15.74 -6.50
C THR D 107 -16.88 14.92 -7.64
N ARG D 108 -17.98 15.38 -8.22
CA ARG D 108 -18.55 14.66 -9.37
C ARG D 108 -18.23 15.34 -10.67
N LEU D 109 -17.71 14.55 -11.61
CA LEU D 109 -17.45 15.04 -12.97
C LEU D 109 -18.26 14.26 -14.03
N LEU D 110 -18.86 15.01 -14.95
CA LEU D 110 -19.51 14.44 -16.12
C LEU D 110 -18.92 15.08 -17.36
N VAL D 111 -18.27 14.29 -18.20
CA VAL D 111 -17.72 14.79 -19.43
C VAL D 111 -18.62 14.35 -20.56
N LEU D 112 -19.23 15.33 -21.23
CA LEU D 112 -20.16 15.08 -22.33
C LEU D 112 -19.44 15.21 -23.64
N GLU D 113 -20.07 14.71 -24.69
CA GLU D 113 -19.51 14.83 -26.05
C GLU D 113 -19.63 16.30 -26.47
N ASP D 114 -20.88 16.76 -26.54
CA ASP D 114 -21.21 18.13 -26.91
C ASP D 114 -21.91 18.75 -25.72
N LEU D 115 -21.97 20.07 -25.69
CA LEU D 115 -22.75 20.77 -24.66
C LEU D 115 -24.07 21.33 -25.21
N ARG D 116 -24.45 20.96 -26.43
CA ARG D 116 -25.60 21.57 -27.10
C ARG D 116 -26.92 21.40 -26.36
N ASN D 117 -27.03 20.42 -25.48
CA ASN D 117 -28.30 20.22 -24.81
C ASN D 117 -28.37 20.83 -23.43
N VAL D 118 -27.26 21.34 -22.92
CA VAL D 118 -27.25 21.77 -21.52
C VAL D 118 -28.37 22.81 -21.30
N THR D 119 -29.14 22.65 -20.22
CA THR D 119 -30.35 23.45 -19.96
C THR D 119 -30.71 23.46 -18.47
N PRO D 120 -30.86 24.65 -17.85
CA PRO D 120 -31.11 24.65 -16.43
C PRO D 120 -32.59 24.36 -16.19
N PRO D 121 -32.98 24.12 -14.92
CA PRO D 121 -34.33 23.71 -14.64
C PRO D 121 -35.32 24.87 -14.38
N LYS D 122 -36.60 24.51 -14.43
CA LYS D 122 -37.68 25.37 -14.01
C LYS D 122 -38.16 24.85 -12.67
N VAL D 123 -38.15 25.68 -11.64
CA VAL D 123 -38.52 25.21 -10.31
C VAL D 123 -39.90 25.70 -9.94
N SER D 124 -40.78 24.77 -9.56
CA SER D 124 -42.10 25.11 -9.02
C SER D 124 -42.20 24.53 -7.63
N LEU D 125 -42.95 25.22 -6.77
CA LEU D 125 -43.22 24.77 -5.41
C LEU D 125 -44.71 24.71 -5.27
N PHE D 126 -45.21 23.58 -4.78
CA PHE D 126 -46.63 23.38 -4.64
C PHE D 126 -47.02 23.37 -3.17
N GLU D 127 -48.15 24.03 -2.87
CA GLU D 127 -48.56 24.31 -1.51
C GLU D 127 -49.55 23.30 -0.91
N PRO D 128 -49.32 22.91 0.35
CA PRO D 128 -50.08 21.93 1.12
C PRO D 128 -51.57 21.92 0.84
N SER D 129 -52.12 20.72 0.74
CA SER D 129 -53.54 20.53 0.61
C SER D 129 -54.23 20.79 1.95
N LYS D 130 -55.39 21.47 1.90
CA LYS D 130 -56.27 21.72 3.08
C LYS D 130 -56.78 20.40 3.62
N ALA D 131 -57.12 19.50 2.68
CA ALA D 131 -57.50 18.13 2.99
C ALA D 131 -56.44 17.40 3.81
N GLU D 132 -55.19 17.41 3.34
CA GLU D 132 -54.09 16.78 4.10
C GLU D 132 -54.01 17.39 5.51
N ILE D 133 -53.88 18.71 5.55
CA ILE D 133 -53.80 19.47 6.79
C ILE D 133 -54.89 19.05 7.76
N SER D 134 -56.13 19.00 7.28
CA SER D 134 -57.29 18.69 8.12
C SER D 134 -57.45 17.21 8.45
N HIS D 135 -56.85 16.34 7.64
CA HIS D 135 -56.96 14.88 7.83
C HIS D 135 -55.75 14.29 8.55
N THR D 136 -54.59 14.95 8.44
CA THR D 136 -53.34 14.46 9.05
C THR D 136 -52.75 15.37 10.12
N GLN D 137 -53.18 16.63 10.15
CA GLN D 137 -52.54 17.67 10.94
C GLN D 137 -51.11 17.95 10.48
N LYS D 138 -50.88 17.73 9.19
CA LYS D 138 -49.56 17.87 8.60
C LYS D 138 -49.66 18.51 7.23
N ALA D 139 -48.58 19.18 6.81
CA ALA D 139 -48.55 19.96 5.60
C ALA D 139 -47.32 19.59 4.83
N THR D 140 -47.55 19.10 3.62
CA THR D 140 -46.49 18.68 2.72
C THR D 140 -46.39 19.65 1.57
N LEU D 141 -45.24 20.30 1.49
CA LEU D 141 -44.86 21.08 0.31
C LEU D 141 -44.24 20.10 -0.73
N VAL D 142 -44.43 20.39 -2.01
CA VAL D 142 -43.81 19.62 -3.05
C VAL D 142 -43.10 20.56 -4.00
N CYS D 143 -41.85 20.23 -4.29
CA CYS D 143 -41.06 20.96 -5.25
C CYS D 143 -40.89 20.14 -6.51
N LEU D 144 -41.04 20.79 -7.66
CA LEU D 144 -40.68 20.19 -8.91
C LEU D 144 -39.65 20.99 -9.65
N ALA D 145 -38.54 20.36 -9.99
CA ALA D 145 -37.61 20.90 -10.96
C ALA D 145 -37.78 20.11 -12.27
N THR D 146 -37.82 20.84 -13.39
CA THR D 146 -38.05 20.24 -14.68
C THR D 146 -37.32 20.94 -15.81
N GLY D 147 -37.20 20.21 -16.90
CA GLY D 147 -36.72 20.73 -18.17
C GLY D 147 -35.22 20.75 -18.26
N PHE D 148 -34.54 20.04 -17.37
CA PHE D 148 -33.10 20.21 -17.24
C PHE D 148 -32.22 19.13 -17.88
N TYR D 149 -30.98 19.51 -18.17
CA TYR D 149 -30.03 18.58 -18.76
C TYR D 149 -28.66 19.17 -18.55
N PRO D 150 -27.69 18.35 -18.12
CA PRO D 150 -27.75 16.92 -17.71
C PRO D 150 -28.27 16.76 -16.28
N ASP D 151 -28.20 15.56 -15.73
CA ASP D 151 -28.84 15.28 -14.45
C ASP D 151 -28.05 15.73 -13.21
N HIS D 152 -27.39 16.88 -13.25
CA HIS D 152 -26.54 17.34 -12.12
C HIS D 152 -27.16 18.51 -11.37
N VAL D 153 -28.12 18.16 -10.52
CA VAL D 153 -28.81 19.12 -9.67
C VAL D 153 -28.69 18.70 -8.22
N GLU D 154 -28.57 19.67 -7.32
CA GLU D 154 -28.66 19.44 -5.89
C GLU D 154 -29.86 20.23 -5.42
N LEU D 155 -30.92 19.53 -5.03
CA LEU D 155 -32.15 20.16 -4.54
C LEU D 155 -32.01 20.29 -3.04
N SER D 156 -32.20 21.49 -2.49
CA SER D 156 -32.13 21.68 -1.04
C SER D 156 -33.34 22.44 -0.53
N TRP D 157 -33.74 22.14 0.70
CA TRP D 157 -34.85 22.83 1.31
C TRP D 157 -34.41 23.84 2.34
N TRP D 158 -34.98 25.04 2.27
CA TRP D 158 -34.61 26.11 3.19
C TRP D 158 -35.83 26.68 3.88
N VAL D 159 -35.79 26.76 5.21
CA VAL D 159 -36.81 27.49 5.97
C VAL D 159 -36.15 28.61 6.80
N ASN D 160 -36.67 29.83 6.61
CA ASN D 160 -36.12 31.06 7.14
C ASN D 160 -34.63 31.12 7.03
N GLY D 161 -34.19 30.97 5.80
CA GLY D 161 -32.79 31.07 5.44
C GLY D 161 -31.92 30.03 6.07
N LYS D 162 -32.50 28.93 6.54
CA LYS D 162 -31.73 27.84 7.13
C LYS D 162 -32.09 26.48 6.52
N GLU D 163 -31.11 25.82 5.93
CA GLU D 163 -31.35 24.53 5.32
C GLU D 163 -31.98 23.55 6.29
N VAL D 164 -32.98 22.79 5.85
CA VAL D 164 -33.67 21.74 6.66
C VAL D 164 -33.61 20.37 5.95
N HIS D 165 -33.42 19.31 6.73
CA HIS D 165 -33.35 17.95 6.19
C HIS D 165 -34.49 17.06 6.75
N SER D 166 -34.68 17.10 8.05
CA SER D 166 -35.87 16.58 8.68
C SER D 166 -37.10 16.72 7.79
N GLY D 167 -37.81 15.61 7.58
CA GLY D 167 -39.08 15.60 6.87
C GLY D 167 -38.95 15.88 5.40
N VAL D 168 -37.78 15.62 4.83
CA VAL D 168 -37.54 15.81 3.42
C VAL D 168 -37.38 14.44 2.81
N CYS D 169 -37.82 14.31 1.56
CA CYS D 169 -37.48 13.13 0.73
C CYS D 169 -37.40 13.53 -0.74
N THR D 170 -36.23 13.41 -1.33
CA THR D 170 -36.06 13.71 -2.75
C THR D 170 -35.94 12.43 -3.58
N ASP D 171 -36.62 12.40 -4.73
CA ASP D 171 -36.49 11.28 -5.65
C ASP D 171 -35.03 10.87 -5.67
N PRO D 172 -34.76 9.54 -5.58
CA PRO D 172 -33.36 9.10 -5.48
C PRO D 172 -32.64 9.23 -6.82
N GLN D 173 -33.40 9.30 -7.92
CA GLN D 173 -32.85 9.69 -9.23
C GLN D 173 -33.92 10.48 -10.01
N PRO D 174 -33.50 11.43 -10.86
CA PRO D 174 -34.49 12.18 -11.63
C PRO D 174 -35.13 11.31 -12.69
N LEU D 175 -36.27 11.71 -13.22
CA LEU D 175 -36.90 10.95 -14.31
C LEU D 175 -36.81 11.69 -15.65
N LYS D 176 -36.97 10.95 -16.74
CA LYS D 176 -36.75 11.48 -18.08
C LYS D 176 -38.05 11.85 -18.77
N GLU D 177 -38.10 13.07 -19.29
CA GLU D 177 -39.34 13.66 -19.77
C GLU D 177 -39.78 13.05 -21.10
N GLN D 178 -38.80 12.77 -21.97
CA GLN D 178 -39.03 12.01 -23.18
C GLN D 178 -38.02 10.86 -23.14
N PRO D 179 -38.38 9.76 -22.45
CA PRO D 179 -37.46 8.62 -22.23
C PRO D 179 -37.13 7.83 -23.51
N ALA D 180 -37.84 8.13 -24.60
CA ALA D 180 -37.58 7.55 -25.91
C ALA D 180 -36.94 8.57 -26.86
N LEU D 181 -36.07 9.42 -26.32
CA LEU D 181 -35.38 10.45 -27.11
C LEU D 181 -33.91 10.53 -26.69
N ASN D 182 -33.04 10.80 -27.68
CA ASN D 182 -31.59 10.57 -27.59
C ASN D 182 -30.97 10.91 -26.22
N ASP D 183 -31.23 12.14 -25.77
CA ASP D 183 -30.70 12.62 -24.48
C ASP D 183 -31.67 13.68 -23.91
N SER D 184 -32.78 13.19 -23.41
CA SER D 184 -33.89 14.03 -23.07
C SER D 184 -33.58 14.82 -21.83
N ARG D 185 -34.44 15.79 -21.57
CA ARG D 185 -34.38 16.56 -20.35
C ARG D 185 -34.91 15.69 -19.20
N TYR D 186 -34.57 16.11 -17.98
CA TYR D 186 -34.91 15.40 -16.73
C TYR D 186 -35.92 16.15 -15.87
N SER D 187 -36.38 15.51 -14.81
CA SER D 187 -37.32 16.09 -13.86
C SER D 187 -37.18 15.40 -12.53
N LEU D 188 -37.20 16.17 -11.46
CA LEU D 188 -36.94 15.64 -10.15
C LEU D 188 -37.96 16.29 -9.25
N SER D 189 -38.54 15.51 -8.35
CA SER D 189 -39.45 16.04 -7.34
C SER D 189 -38.90 15.84 -5.93
N SER D 190 -39.32 16.69 -5.00
CA SER D 190 -38.91 16.56 -3.60
C SER D 190 -40.07 16.89 -2.69
N ARG D 191 -39.98 16.41 -1.46
CA ARG D 191 -41.01 16.63 -0.48
C ARG D 191 -40.40 17.18 0.81
N LEU D 192 -41.17 18.05 1.49
CA LEU D 192 -40.86 18.57 2.81
C LEU D 192 -42.16 18.60 3.60
N ARG D 193 -42.28 17.71 4.57
CA ARG D 193 -43.51 17.62 5.36
C ARG D 193 -43.26 18.26 6.71
N VAL D 194 -44.17 19.15 7.10
CA VAL D 194 -44.12 19.84 8.39
C VAL D 194 -45.47 19.75 9.12
N SER D 195 -45.44 20.15 10.39
CA SER D 195 -46.64 20.25 11.21
C SER D 195 -47.56 21.33 10.64
N ALA D 196 -48.87 21.11 10.73
CA ALA D 196 -49.81 22.04 10.11
C ALA D 196 -49.69 23.42 10.72
N THR D 197 -49.36 23.48 12.01
CA THR D 197 -49.12 24.76 12.66
C THR D 197 -47.93 25.46 12.06
N PHE D 198 -46.86 24.72 11.83
CA PHE D 198 -45.67 25.29 11.20
C PHE D 198 -46.05 25.97 9.89
N TRP D 199 -46.67 25.21 9.00
CA TRP D 199 -47.15 25.75 7.73
C TRP D 199 -48.12 26.91 7.93
N GLN D 200 -49.00 26.80 8.92
CA GLN D 200 -49.98 27.86 9.19
C GLN D 200 -49.36 29.20 9.64
N ASN D 201 -48.18 29.13 10.26
CA ASN D 201 -47.43 30.32 10.65
C ASN D 201 -47.04 31.19 9.43
N PRO D 202 -47.62 32.40 9.31
CA PRO D 202 -47.30 33.25 8.16
C PRO D 202 -45.91 33.90 8.18
N ARG D 203 -45.16 33.72 9.26
CA ARG D 203 -43.83 34.28 9.39
C ARG D 203 -42.70 33.30 9.04
N ASN D 204 -43.05 32.07 8.65
CA ASN D 204 -42.07 31.11 8.10
C ASN D 204 -42.01 31.22 6.58
N HIS D 205 -40.81 31.46 6.07
CA HIS D 205 -40.57 31.48 4.63
C HIS D 205 -40.02 30.15 4.16
N PHE D 206 -40.66 29.57 3.15
CA PHE D 206 -40.29 28.25 2.61
C PHE D 206 -39.70 28.42 1.24
N ARG D 207 -38.65 27.66 0.97
CA ARG D 207 -37.96 27.80 -0.30
C ARG D 207 -37.34 26.51 -0.78
N CYS D 208 -37.74 26.09 -1.97
CA CYS D 208 -37.09 25.00 -2.65
C CYS D 208 -35.97 25.56 -3.52
N GLN D 209 -34.78 25.02 -3.40
CA GLN D 209 -33.65 25.55 -4.16
C GLN D 209 -32.93 24.47 -4.92
N VAL D 210 -32.86 24.64 -6.25
CA VAL D 210 -32.09 23.73 -7.09
C VAL D 210 -30.80 24.35 -7.61
N GLN D 211 -29.71 23.66 -7.32
CA GLN D 211 -28.40 24.07 -7.73
C GLN D 211 -28.10 23.26 -8.99
N PHE D 212 -28.04 23.94 -10.13
CA PHE D 212 -27.83 23.26 -11.40
C PHE D 212 -26.37 23.46 -11.79
N TYR D 213 -25.72 22.38 -12.23
CA TYR D 213 -24.36 22.44 -12.70
C TYR D 213 -24.35 22.34 -14.20
N GLY D 214 -23.91 23.42 -14.84
CA GLY D 214 -23.88 23.55 -16.28
C GLY D 214 -22.58 24.17 -16.74
N LEU D 215 -22.68 25.08 -17.70
CA LEU D 215 -21.52 25.66 -18.37
C LEU D 215 -20.81 26.67 -17.50
N SER D 216 -19.51 26.85 -17.72
CA SER D 216 -18.78 27.94 -17.07
C SER D 216 -18.83 29.16 -17.93
N GLU D 217 -18.72 30.31 -17.31
CA GLU D 217 -18.80 31.55 -18.06
C GLU D 217 -17.79 31.53 -19.23
N ASN D 218 -16.64 30.86 -19.07
CA ASN D 218 -15.66 30.72 -20.16
C ASN D 218 -15.78 29.40 -20.97
N ASP D 219 -16.99 29.11 -21.45
CA ASP D 219 -17.25 28.07 -22.46
C ASP D 219 -17.94 28.79 -23.62
N GLU D 220 -17.65 28.46 -24.87
CA GLU D 220 -18.31 29.15 -25.99
C GLU D 220 -19.75 28.77 -26.01
N TRP D 221 -20.62 29.72 -26.27
CA TRP D 221 -22.03 29.40 -26.43
C TRP D 221 -22.45 29.82 -27.80
N THR D 222 -22.99 28.86 -28.54
CA THR D 222 -23.11 28.98 -29.97
C THR D 222 -24.57 29.26 -30.41
N GLN D 223 -25.54 28.82 -29.59
CA GLN D 223 -26.98 29.06 -29.83
C GLN D 223 -27.46 30.45 -29.34
N ASP D 224 -28.73 30.76 -29.58
CA ASP D 224 -29.29 32.06 -29.24
C ASP D 224 -29.92 32.08 -27.87
N ARG D 225 -30.26 30.91 -27.32
CA ARG D 225 -30.85 30.90 -25.96
C ARG D 225 -29.81 31.19 -24.88
N ALA D 226 -30.28 31.72 -23.74
CA ALA D 226 -29.40 32.03 -22.61
C ALA D 226 -28.45 30.87 -22.36
N LYS D 227 -27.17 31.23 -22.30
CA LYS D 227 -26.07 30.33 -21.97
C LYS D 227 -26.36 29.57 -20.66
N PRO D 228 -26.56 28.24 -20.74
CA PRO D 228 -27.04 27.46 -19.60
C PRO D 228 -25.98 27.26 -18.53
N VAL D 229 -25.70 28.34 -17.82
CA VAL D 229 -24.58 28.33 -16.87
C VAL D 229 -24.93 27.60 -15.57
N THR D 230 -23.90 27.17 -14.87
CA THR D 230 -24.06 26.77 -13.48
C THR D 230 -24.77 27.90 -12.77
N GLN D 231 -25.86 27.58 -12.10
CA GLN D 231 -26.67 28.57 -11.46
C GLN D 231 -27.64 27.97 -10.46
N ILE D 232 -28.38 28.86 -9.83
CA ILE D 232 -29.40 28.49 -8.91
C ILE D 232 -30.74 28.94 -9.42
N VAL D 233 -31.64 27.96 -9.55
CA VAL D 233 -33.05 28.23 -9.70
C VAL D 233 -33.80 27.78 -8.46
N SER D 234 -34.75 28.61 -8.03
CA SER D 234 -35.53 28.33 -6.82
C SER D 234 -36.99 28.80 -6.90
N ALA D 235 -37.74 28.45 -5.88
CA ALA D 235 -39.14 28.87 -5.74
C ALA D 235 -39.44 28.94 -4.27
N GLU D 236 -40.36 29.82 -3.91
CA GLU D 236 -40.68 30.07 -2.50
C GLU D 236 -42.13 30.41 -2.24
N ALA D 237 -42.52 30.19 -0.99
CA ALA D 237 -43.85 30.52 -0.51
C ALA D 237 -43.79 30.82 0.97
N TRP D 238 -44.72 31.65 1.45
CA TRP D 238 -44.85 31.86 2.88
C TRP D 238 -45.99 31.03 3.44
N GLY D 239 -45.88 30.72 4.72
CA GLY D 239 -46.97 30.12 5.44
C GLY D 239 -48.19 31.02 5.40
N ARG D 240 -49.35 30.40 5.67
CA ARG D 240 -50.69 30.98 5.48
C ARG D 240 -51.60 30.42 6.56
N ALA D 241 -52.67 31.14 6.92
CA ALA D 241 -53.70 30.58 7.81
C ALA D 241 -54.99 30.38 7.04
#